data_8T3M
#
_entry.id   8T3M
#
_cell.length_a   1.00
_cell.length_b   1.00
_cell.length_c   1.00
_cell.angle_alpha   90.00
_cell.angle_beta   90.00
_cell.angle_gamma   90.00
#
_symmetry.space_group_name_H-M   'P 1'
#
loop_
_entity.id
_entity.type
_entity.pdbx_description
1 polymer 'Transient receptor potential cation channel subfamily V member 1'
2 non-polymer '[(2~{R})-2-hexadecanoyloxy-3-[oxidanyl-[(2~{S},3~{S},5~{R},6~{S})-2,3,4,5,6-pentakis(oxidanyl)cyclohexyl]oxy-phosphoryl]oxy-propyl] hexadecanoate'
3 non-polymer 'SODIUM ION'
4 non-polymer '(2R)-2-hydroxy-3-(phosphonooxy)propyl tetradecanoate'
#
_entity_poly.entity_id   1
_entity_poly.type   'polypeptide(L)'
_entity_poly.pdbx_seq_one_letter_code
;GAMGSRLYDRRSIFDAVAQSNCQELESLLPFLQRSKKRLTDSEFKDPETGKTCLLKAMLNLHNGQNDTIALLLDVARKTD
SLKQFVNASYTDSYYKGQTALHIAIERRNMTLVTLLVENGADVQAAANGDFFKKTKGRPGFYFGELPLSLAACTNQLAIV
KFLLQNSWQPADISARDSVGNTVLHALVEVADNTVDNTKFVTSMYNEILILGAKLHPTLKLEEITNRKGLTPLALAASSG
KIGVLAYILQREIHEPECRHLSRKFTEWAYGPVHSSLYDLSCIDTCEKNSVLEVIAYSSSETPNRHDMLLVEPLNRLLQD
KWDRFVKRIFYFNFFVYCLYMIIFTAAAYYRPVEGLPPYKLKNTVGDYFRVTGEILSVSGGVYFFFRGIQYFLQRRPSLK
SLFVDSYSEILFFVQSLFMLVSVVLYFSQRKEYVASMVFSLAMGWTNMLYYTRGFQQMGIYAVMIEKMILRDLCRFMFVY
LVFLFGFSTAVVTLIEDGKYNSLYSTCLELFKFTIGMGDLEFTENYDFKAVFIILLLAYVILTYILLLNMLIALMGETVN
KIAQESKNIWKLQRAITILDTEKSFLKCMRKAFRSGKLLQVGFTPDGKDDYRWCFRVDEVNWTTWNTNVGIINEDPG
;
_entity_poly.pdbx_strand_id   A,D,B,C
#
# COMPACT_ATOMS: atom_id res chain seq x y z
N LEU A 280 46.08 -8.08 23.57
CA LEU A 280 45.08 -7.02 23.56
C LEU A 280 45.62 -5.74 24.17
N SER A 281 46.90 -5.47 23.94
CA SER A 281 47.52 -4.28 24.51
C SER A 281 46.87 -3.02 23.97
N CYS A 282 46.51 -2.11 24.86
CA CYS A 282 45.91 -0.83 24.48
C CYS A 282 44.70 -1.05 23.57
N ILE A 283 43.69 -1.73 24.12
CA ILE A 283 42.50 -2.07 23.35
C ILE A 283 41.23 -1.56 24.02
N ASP A 284 41.25 -1.39 25.35
CA ASP A 284 40.01 -0.99 26.07
C ASP A 284 40.29 0.13 27.06
N THR A 285 41.40 0.08 27.82
CA THR A 285 41.64 1.07 28.90
C THR A 285 43.13 1.41 29.06
N CYS A 286 43.61 2.48 28.41
CA CYS A 286 44.94 3.00 28.64
C CYS A 286 44.93 4.28 29.45
N GLU A 287 43.75 4.78 29.81
CA GLU A 287 43.57 6.01 30.57
C GLU A 287 43.81 7.25 29.71
N LYS A 288 44.29 7.06 28.48
CA LYS A 288 44.42 8.15 27.52
C LYS A 288 43.78 7.83 26.19
N ASN A 289 43.92 6.59 25.70
CA ASN A 289 43.36 6.23 24.40
C ASN A 289 43.56 4.74 24.17
N SER A 290 42.64 4.14 23.44
CA SER A 290 42.71 2.73 23.05
C SER A 290 42.17 2.64 21.63
N VAL A 291 41.91 1.41 21.19
CA VAL A 291 41.31 1.22 19.87
C VAL A 291 39.80 1.32 19.93
N LEU A 292 39.18 0.73 20.95
CA LEU A 292 37.73 0.83 21.07
C LEU A 292 37.29 2.26 21.32
N GLU A 293 38.00 2.98 22.19
CA GLU A 293 37.60 4.34 22.53
C GLU A 293 37.56 5.21 21.28
N VAL A 294 38.50 5.01 20.36
CA VAL A 294 38.57 5.86 19.17
C VAL A 294 37.66 5.33 18.07
N ILE A 295 37.56 4.01 17.90
CA ILE A 295 36.67 3.48 16.88
C ILE A 295 35.22 3.86 17.17
N ALA A 296 34.81 3.74 18.43
CA ALA A 296 33.43 4.08 18.78
C ALA A 296 33.19 5.58 18.64
N TYR A 297 34.11 6.39 19.15
CA TYR A 297 33.93 7.84 19.18
C TYR A 297 34.43 8.53 17.93
N SER A 298 34.87 7.78 16.92
CA SER A 298 35.28 8.42 15.67
C SER A 298 34.08 9.09 15.02
N SER A 299 34.28 10.31 14.55
CA SER A 299 33.21 11.03 13.89
C SER A 299 32.82 10.35 12.59
N SER A 300 31.60 10.64 12.14
CA SER A 300 31.09 10.01 10.92
C SER A 300 31.97 10.30 9.72
N GLU A 301 32.78 11.36 9.78
CA GLU A 301 33.65 11.67 8.65
C GLU A 301 34.56 10.49 8.31
N THR A 302 34.87 9.65 9.29
CA THR A 302 35.70 8.49 9.04
C THR A 302 35.04 7.62 7.96
N PRO A 303 35.81 7.16 6.97
CA PRO A 303 35.19 6.46 5.83
C PRO A 303 34.39 5.23 6.21
N ASN A 304 35.04 4.24 6.82
CA ASN A 304 34.46 2.93 7.06
C ASN A 304 34.54 2.57 8.53
N ARG A 305 34.08 3.49 9.38
CA ARG A 305 34.09 3.25 10.82
C ARG A 305 33.36 1.97 11.19
N HIS A 306 32.33 1.59 10.42
CA HIS A 306 31.45 0.51 10.86
C HIS A 306 32.12 -0.85 10.71
N ASP A 307 32.82 -1.07 9.61
CA ASP A 307 33.35 -2.40 9.32
C ASP A 307 34.38 -2.84 10.35
N MET A 308 35.01 -1.90 11.04
CA MET A 308 36.09 -2.24 11.95
C MET A 308 35.60 -3.16 13.06
N LEU A 309 34.44 -2.87 13.64
CA LEU A 309 33.96 -3.66 14.78
C LEU A 309 33.69 -5.11 14.40
N LEU A 310 33.57 -5.42 13.11
CA LEU A 310 33.43 -6.80 12.69
C LEU A 310 34.73 -7.59 12.82
N VAL A 311 35.84 -6.91 13.09
CA VAL A 311 37.10 -7.61 13.36
C VAL A 311 36.90 -8.56 14.53
N GLU A 312 37.53 -9.72 14.45
CA GLU A 312 37.21 -10.84 15.32
C GLU A 312 37.32 -10.47 16.80
N PRO A 313 38.51 -10.18 17.31
CA PRO A 313 38.63 -9.93 18.75
C PRO A 313 37.72 -8.81 19.24
N LEU A 314 37.51 -7.77 18.43
CA LEU A 314 36.62 -6.68 18.85
C LEU A 314 35.21 -7.19 19.11
N ASN A 315 34.65 -7.92 18.14
CA ASN A 315 33.29 -8.42 18.31
C ASN A 315 33.21 -9.40 19.47
N ARG A 316 34.19 -10.30 19.59
CA ARG A 316 34.16 -11.25 20.70
C ARG A 316 34.18 -10.52 22.04
N LEU A 317 35.04 -9.49 22.15
CA LEU A 317 35.16 -8.77 23.40
C LEU A 317 33.88 -8.01 23.73
N LEU A 318 33.27 -7.37 22.73
CA LEU A 318 32.03 -6.65 22.99
C LEU A 318 30.92 -7.61 23.45
N GLN A 319 30.86 -8.79 22.82
CA GLN A 319 29.85 -9.81 23.14
C GLN A 319 30.10 -10.36 24.56
N ASP A 320 31.36 -10.46 24.99
CA ASP A 320 31.68 -10.92 26.33
C ASP A 320 31.33 -9.86 27.37
N LYS A 321 31.70 -8.61 27.11
CA LYS A 321 31.39 -7.53 28.04
C LYS A 321 29.89 -7.42 28.24
N TRP A 322 29.14 -7.43 27.13
CA TRP A 322 27.70 -7.33 27.14
C TRP A 322 27.15 -8.42 28.05
N ASP A 323 27.31 -9.67 27.62
CA ASP A 323 26.75 -10.79 28.37
C ASP A 323 27.18 -10.77 29.82
N ARG A 324 28.45 -10.39 30.05
CA ARG A 324 29.04 -10.37 31.43
C ARG A 324 28.16 -9.50 32.33
N PHE A 325 28.09 -8.18 32.09
CA PHE A 325 27.31 -7.31 32.98
C PHE A 325 26.49 -6.22 32.30
N VAL A 326 26.76 -5.88 31.05
CA VAL A 326 26.03 -4.75 30.50
C VAL A 326 24.61 -5.15 30.16
N LYS A 327 24.36 -6.43 29.91
CA LYS A 327 22.98 -6.90 29.75
C LYS A 327 22.16 -6.51 30.97
N ARG A 328 22.64 -6.86 32.17
CA ARG A 328 21.92 -6.55 33.38
C ARG A 328 21.79 -5.06 33.59
N ILE A 329 22.89 -4.32 33.43
CA ILE A 329 22.83 -2.88 33.70
C ILE A 329 21.86 -2.20 32.75
N PHE A 330 21.91 -2.55 31.46
CA PHE A 330 21.03 -1.94 30.47
C PHE A 330 19.58 -2.32 30.71
N TYR A 331 19.31 -3.57 31.11
CA TYR A 331 17.95 -3.95 31.43
C TYR A 331 17.41 -3.11 32.59
N PHE A 332 18.23 -2.91 33.62
CA PHE A 332 17.79 -2.08 34.73
C PHE A 332 17.52 -0.65 34.28
N ASN A 333 18.39 -0.09 33.45
CA ASN A 333 18.16 1.27 32.97
C ASN A 333 16.88 1.37 32.17
N PHE A 334 16.63 0.40 31.30
CA PHE A 334 15.39 0.42 30.52
C PHE A 334 14.19 0.37 31.45
N PHE A 335 14.23 -0.50 32.46
CA PHE A 335 13.10 -0.60 33.38
C PHE A 335 12.88 0.72 34.13
N VAL A 336 13.96 1.34 34.59
CA VAL A 336 13.77 2.57 35.38
C VAL A 336 13.25 3.70 34.50
N TYR A 337 13.72 3.78 33.25
CA TYR A 337 13.19 4.80 32.36
C TYR A 337 11.71 4.56 32.05
N CYS A 338 11.33 3.29 31.83
CA CYS A 338 9.92 3.00 31.58
C CYS A 338 9.07 3.38 32.78
N LEU A 339 9.55 3.07 33.98
CA LEU A 339 8.83 3.48 35.19
C LEU A 339 8.72 4.99 35.27
N TYR A 340 9.82 5.70 34.98
CA TYR A 340 9.78 7.16 34.94
C TYR A 340 8.67 7.66 34.05
N MET A 341 8.59 7.12 32.83
CA MET A 341 7.56 7.60 31.91
C MET A 341 6.17 7.24 32.41
N ILE A 342 6.02 6.11 33.08
CA ILE A 342 4.71 5.76 33.64
C ILE A 342 4.27 6.82 34.64
N ILE A 343 5.17 7.14 35.58
CA ILE A 343 4.90 8.14 36.65
C ILE A 343 4.63 9.51 36.01
N PHE A 344 5.37 9.88 34.96
CA PHE A 344 5.19 11.18 34.32
C PHE A 344 3.85 11.25 33.59
N THR A 345 3.49 10.18 32.87
CA THR A 345 2.20 10.16 32.17
C THR A 345 1.05 10.22 33.16
N ALA A 346 1.14 9.48 34.25
CA ALA A 346 0.07 9.50 35.24
C ALA A 346 -0.11 10.89 35.83
N ALA A 347 1.00 11.55 36.14
CA ALA A 347 0.92 12.90 36.71
C ALA A 347 0.37 13.89 35.70
N ALA A 348 0.81 13.80 34.44
CA ALA A 348 0.35 14.76 33.43
C ALA A 348 -1.12 14.57 33.11
N TYR A 349 -1.57 13.32 33.00
CA TYR A 349 -2.95 13.05 32.62
C TYR A 349 -3.92 13.63 33.64
N TYR A 350 -3.61 13.50 34.92
CA TYR A 350 -4.46 13.97 36.00
C TYR A 350 -4.24 15.44 36.34
N ARG A 351 -3.67 16.22 35.40
CA ARG A 351 -3.42 17.67 35.60
C ARG A 351 -4.73 18.35 36.05
N PRO A 352 -4.76 19.12 37.15
CA PRO A 352 -5.97 19.86 37.52
C PRO A 352 -6.22 21.00 36.55
N VAL A 353 -7.39 21.00 35.93
CA VAL A 353 -7.76 22.01 34.94
C VAL A 353 -8.62 23.03 35.69
N GLU A 354 -7.97 24.06 36.23
CA GLU A 354 -8.65 25.17 36.89
C GLU A 354 -8.23 26.53 36.37
N GLY A 355 -7.07 26.65 35.75
CA GLY A 355 -6.66 27.88 35.12
C GLY A 355 -5.69 28.68 35.97
N LEU A 356 -4.78 29.37 35.30
CA LEU A 356 -3.85 30.27 35.96
C LEU A 356 -3.09 29.56 37.07
N PRO A 357 -2.12 28.71 36.74
CA PRO A 357 -1.21 28.19 37.77
C PRO A 357 -0.34 29.30 38.33
N PRO A 358 0.35 29.05 39.45
CA PRO A 358 0.47 27.77 40.15
C PRO A 358 -0.75 27.44 40.98
N TYR A 359 -0.85 26.19 41.40
CA TYR A 359 -2.01 25.69 42.13
C TYR A 359 -1.71 25.61 43.62
N LYS A 360 -2.68 25.99 44.43
CA LYS A 360 -2.61 25.80 45.87
C LYS A 360 -3.17 24.42 46.17
N LEU A 361 -2.29 23.49 46.52
CA LEU A 361 -2.68 22.08 46.61
C LEU A 361 -3.77 21.90 47.66
N LYS A 362 -4.64 20.92 47.42
CA LYS A 362 -5.71 20.56 48.32
C LYS A 362 -5.34 19.27 49.04
N ASN A 363 -5.65 19.19 50.33
CA ASN A 363 -5.22 18.08 51.17
C ASN A 363 -5.99 16.83 50.77
N THR A 364 -5.38 16.00 49.93
CA THR A 364 -5.96 14.73 49.53
C THR A 364 -4.85 13.77 49.14
N VAL A 365 -5.12 12.48 49.31
CA VAL A 365 -4.12 11.48 48.93
C VAL A 365 -3.82 11.60 47.44
N GLY A 366 -4.85 11.78 46.62
CA GLY A 366 -4.63 11.95 45.19
C GLY A 366 -3.78 13.16 44.89
N ASP A 367 -4.07 14.27 45.57
CA ASP A 367 -3.33 15.55 45.35
C ASP A 367 -1.88 15.36 45.82
N TYR A 368 -1.63 14.61 46.90
CA TYR A 368 -0.27 14.36 47.36
C TYR A 368 0.49 13.51 46.36
N PHE A 369 -0.13 12.45 45.84
CA PHE A 369 0.52 11.65 44.81
C PHE A 369 0.79 12.48 43.56
N ARG A 370 -0.14 13.38 43.21
CA ARG A 370 0.07 14.19 42.01
C ARG A 370 1.29 15.10 42.18
N VAL A 371 1.42 15.74 43.34
CA VAL A 371 2.57 16.63 43.54
C VAL A 371 3.86 15.82 43.59
N THR A 372 3.82 14.63 44.19
CA THR A 372 5.00 13.78 44.17
C THR A 372 5.39 13.39 42.75
N GLY A 373 4.39 13.07 41.92
CA GLY A 373 4.68 12.76 40.53
C GLY A 373 5.25 13.94 39.78
N GLU A 374 4.73 15.14 40.06
CA GLU A 374 5.28 16.35 39.45
C GLU A 374 6.74 16.52 39.83
N ILE A 375 7.05 16.32 41.12
CA ILE A 375 8.44 16.44 41.58
C ILE A 375 9.32 15.41 40.87
N LEU A 376 8.84 14.17 40.80
CA LEU A 376 9.63 13.13 40.15
C LEU A 376 9.89 13.45 38.69
N SER A 377 8.87 13.92 37.98
CA SER A 377 9.03 14.24 36.57
C SER A 377 10.01 15.39 36.36
N VAL A 378 9.90 16.44 37.17
CA VAL A 378 10.81 17.56 37.02
C VAL A 378 12.23 17.13 37.35
N SER A 379 12.39 16.29 38.38
CA SER A 379 13.72 15.79 38.72
C SER A 379 14.31 14.97 37.58
N GLY A 380 13.50 14.12 36.96
CA GLY A 380 13.99 13.34 35.83
C GLY A 380 14.40 14.22 34.67
N GLY A 381 13.60 15.25 34.37
CA GLY A 381 13.96 16.18 33.32
C GLY A 381 15.26 16.89 33.61
N VAL A 382 15.45 17.33 34.85
CA VAL A 382 16.69 18.00 35.23
C VAL A 382 17.87 17.03 35.11
N TYR A 383 17.68 15.77 35.52
CA TYR A 383 18.75 14.81 35.41
C TYR A 383 19.15 14.60 33.96
N PHE A 384 18.17 14.49 33.07
CA PHE A 384 18.50 14.33 31.65
C PHE A 384 19.15 15.58 31.10
N PHE A 385 18.77 16.76 31.62
CA PHE A 385 19.35 18.05 31.21
C PHE A 385 20.84 18.08 31.59
N PHE A 386 21.18 17.55 32.77
CA PHE A 386 22.57 17.52 33.30
C PHE A 386 23.34 16.39 32.61
N ARG A 387 22.67 15.31 32.18
CA ARG A 387 23.32 14.28 31.39
C ARG A 387 23.67 14.81 30.00
N GLY A 388 22.74 15.54 29.38
CA GLY A 388 23.02 16.08 28.07
C GLY A 388 24.16 17.07 28.07
N ILE A 389 24.18 17.97 29.06
CA ILE A 389 25.25 18.97 29.10
C ILE A 389 26.58 18.30 29.42
N GLN A 390 26.57 17.30 30.30
CA GLN A 390 27.80 16.57 30.58
C GLN A 390 28.32 15.86 29.33
N TYR A 391 27.42 15.23 28.58
CA TYR A 391 27.78 14.46 27.36
C TYR A 391 28.31 15.40 26.28
N PHE A 392 27.74 16.60 26.14
CA PHE A 392 28.14 17.56 25.09
C PHE A 392 29.64 17.85 25.21
N LEU A 393 30.14 18.09 26.42
CA LEU A 393 31.58 18.36 26.65
C LEU A 393 32.37 17.05 26.59
N GLN A 394 31.76 15.94 27.04
CA GLN A 394 32.42 14.61 27.04
C GLN A 394 32.79 14.22 25.61
N ARG A 395 31.88 14.40 24.64
CA ARG A 395 32.11 13.99 23.24
C ARG A 395 32.63 15.20 22.44
N ARG A 396 32.33 16.42 22.89
CA ARG A 396 32.80 17.67 22.23
C ARG A 396 32.74 17.50 20.70
N PRO A 397 31.54 17.38 20.08
CA PRO A 397 31.42 17.30 18.62
C PRO A 397 31.89 18.59 17.94
N SER A 398 31.99 18.60 16.61
CA SER A 398 32.51 19.77 15.83
C SER A 398 31.38 20.70 15.42
N LEU A 399 30.19 20.62 16.05
CA LEU A 399 29.05 21.48 15.79
C LEU A 399 28.38 21.16 14.44
N LYS A 400 28.96 20.26 13.68
CA LYS A 400 28.34 19.76 12.46
C LYS A 400 28.28 18.25 12.42
N SER A 401 29.32 17.57 12.89
CA SER A 401 29.22 16.13 13.09
C SER A 401 28.10 15.82 14.07
N LEU A 402 27.77 16.76 14.95
CA LEU A 402 26.63 16.59 15.85
C LEU A 402 25.34 16.36 15.09
N PHE A 403 25.23 16.93 13.88
CA PHE A 403 24.00 16.75 13.10
C PHE A 403 23.92 15.35 12.51
N VAL A 404 25.06 14.77 12.12
CA VAL A 404 25.02 13.47 11.44
C VAL A 404 25.06 12.29 12.39
N ASP A 405 25.33 12.51 13.68
CA ASP A 405 25.28 11.44 14.66
C ASP A 405 24.68 11.98 15.95
N SER A 406 24.56 11.07 16.93
CA SER A 406 24.07 11.37 18.30
C SER A 406 22.61 11.84 18.30
N TYR A 407 21.79 11.46 17.33
CA TYR A 407 20.40 11.88 17.31
C TYR A 407 19.71 11.61 18.64
N SER A 408 20.01 10.47 19.26
CA SER A 408 19.36 10.14 20.52
C SER A 408 19.71 11.14 21.62
N GLU A 409 20.97 11.55 21.70
CA GLU A 409 21.35 12.48 22.75
C GLU A 409 20.70 13.84 22.55
N ILE A 410 20.68 14.34 21.32
CA ILE A 410 19.99 15.60 21.06
C ILE A 410 18.51 15.47 21.38
N LEU A 411 17.90 14.34 21.03
CA LEU A 411 16.46 14.17 21.30
C LEU A 411 16.19 14.17 22.80
N PHE A 412 17.00 13.45 23.57
CA PHE A 412 16.81 13.44 25.01
C PHE A 412 17.01 14.82 25.59
N PHE A 413 18.04 15.52 25.13
CA PHE A 413 18.30 16.86 25.65
C PHE A 413 17.15 17.80 25.33
N VAL A 414 16.59 17.68 24.12
CA VAL A 414 15.48 18.56 23.74
C VAL A 414 14.24 18.23 24.55
N GLN A 415 14.02 16.95 24.86
CA GLN A 415 12.89 16.59 25.73
C GLN A 415 13.06 17.21 27.11
N SER A 416 14.27 17.12 27.62
CA SER A 416 14.59 17.70 28.94
C SER A 416 14.42 19.22 28.87
N LEU A 417 14.76 19.86 27.74
CA LEU A 417 14.59 21.29 27.54
C LEU A 417 13.13 21.67 27.55
N PHE A 418 12.29 20.86 26.89
CA PHE A 418 10.85 21.11 26.94
C PHE A 418 10.34 21.01 28.37
N MET A 419 10.84 20.03 29.14
CA MET A 419 10.43 19.92 30.54
C MET A 419 10.77 21.19 31.31
N LEU A 420 11.99 21.69 31.15
CA LEU A 420 12.41 22.88 31.87
C LEU A 420 11.59 24.10 31.46
N VAL A 421 11.36 24.27 30.16
CA VAL A 421 10.55 25.40 29.72
C VAL A 421 9.14 25.27 30.27
N SER A 422 8.63 24.04 30.35
CA SER A 422 7.28 23.83 30.87
C SER A 422 7.20 24.27 32.32
N VAL A 423 8.17 23.86 33.14
CA VAL A 423 8.12 24.26 34.55
C VAL A 423 8.28 25.76 34.69
N VAL A 424 9.17 26.37 33.91
CA VAL A 424 9.35 27.82 33.97
C VAL A 424 8.04 28.52 33.66
N LEU A 425 7.39 28.14 32.57
CA LEU A 425 6.11 28.74 32.23
C LEU A 425 5.06 28.46 33.30
N TYR A 426 5.16 27.30 33.95
CA TYR A 426 4.21 26.98 35.02
C TYR A 426 4.34 27.96 36.17
N PHE A 427 5.57 28.30 36.54
CA PHE A 427 5.79 29.23 37.64
C PHE A 427 5.80 30.68 37.20
N SER A 428 5.58 30.95 35.92
CA SER A 428 5.47 32.30 35.41
C SER A 428 4.02 32.73 35.24
N GLN A 429 3.08 31.99 35.82
CA GLN A 429 1.65 32.30 35.74
C GLN A 429 1.19 32.35 34.28
N ARG A 430 1.60 31.34 33.51
CA ARG A 430 1.18 31.18 32.14
C ARG A 430 0.72 29.74 31.93
N LYS A 431 -0.28 29.56 31.06
CA LYS A 431 -0.90 28.26 30.87
C LYS A 431 -0.25 27.44 29.75
N GLU A 432 0.75 28.03 29.08
CA GLU A 432 1.46 27.37 27.97
C GLU A 432 2.30 26.22 28.52
N TYR A 433 2.33 25.99 29.84
CA TYR A 433 3.04 24.85 30.39
C TYR A 433 2.37 23.56 29.97
N VAL A 434 1.06 23.58 29.71
CA VAL A 434 0.40 22.37 29.21
C VAL A 434 0.92 22.02 27.84
N ALA A 435 1.08 23.01 26.96
CA ALA A 435 1.61 22.73 25.63
C ALA A 435 3.02 22.18 25.70
N SER A 436 3.87 22.83 26.51
CA SER A 436 5.24 22.33 26.64
C SER A 436 5.25 20.92 27.21
N MET A 437 4.40 20.66 28.20
CA MET A 437 4.38 19.34 28.83
C MET A 437 3.94 18.27 27.86
N VAL A 438 2.90 18.54 27.06
CA VAL A 438 2.46 17.52 26.11
C VAL A 438 3.51 17.28 25.04
N PHE A 439 4.17 18.35 24.57
CA PHE A 439 5.25 18.15 23.62
C PHE A 439 6.32 17.25 24.21
N SER A 440 6.77 17.54 25.43
CA SER A 440 7.81 16.73 26.05
C SER A 440 7.35 15.30 26.24
N LEU A 441 6.09 15.10 26.64
CA LEU A 441 5.58 13.76 26.91
C LEU A 441 5.57 12.93 25.63
N ALA A 442 5.02 13.49 24.55
CA ALA A 442 5.01 12.77 23.28
C ALA A 442 6.43 12.46 22.82
N MET A 443 7.33 13.44 22.93
CA MET A 443 8.69 13.23 22.47
C MET A 443 9.39 12.15 23.27
N GLY A 444 9.18 12.12 24.59
CA GLY A 444 9.79 11.08 25.40
C GLY A 444 9.24 9.71 25.10
N TRP A 445 7.92 9.62 24.89
CA TRP A 445 7.34 8.33 24.52
C TRP A 445 7.93 7.83 23.21
N THR A 446 8.12 8.73 22.23
CA THR A 446 8.78 8.32 21.00
C THR A 446 10.22 7.90 21.26
N ASN A 447 10.94 8.65 22.10
CA ASN A 447 12.33 8.33 22.40
C ASN A 447 12.47 6.99 23.10
N MET A 448 11.40 6.49 23.72
CA MET A 448 11.45 5.19 24.37
C MET A 448 12.13 4.16 23.48
N LEU A 449 12.04 4.33 22.16
CA LEU A 449 12.68 3.40 21.24
C LEU A 449 14.19 3.38 21.38
N TYR A 450 14.79 4.36 22.04
CA TYR A 450 16.24 4.33 22.22
C TYR A 450 16.67 3.05 22.90
N TYR A 451 15.96 2.65 23.95
CA TYR A 451 16.33 1.43 24.67
C TYR A 451 16.12 0.18 23.87
N THR A 452 15.75 0.31 22.59
CA THR A 452 15.63 -0.85 21.66
C THR A 452 16.98 -1.56 21.52
N ARG A 453 18.11 -0.88 21.77
CA ARG A 453 19.38 -1.58 21.73
C ARG A 453 19.36 -2.77 22.68
N GLY A 454 20.27 -3.70 22.47
CA GLY A 454 20.28 -4.91 23.26
C GLY A 454 19.26 -5.93 22.85
N PHE A 455 18.52 -5.70 21.76
CA PHE A 455 17.64 -6.70 21.17
C PHE A 455 17.93 -6.70 19.67
N GLN A 456 18.52 -7.80 19.19
CA GLN A 456 19.04 -7.82 17.83
C GLN A 456 17.96 -7.45 16.82
N GLN A 457 16.88 -8.22 16.77
CA GLN A 457 15.85 -7.96 15.77
C GLN A 457 15.28 -6.56 15.93
N MET A 458 14.87 -6.23 17.16
CA MET A 458 14.25 -4.93 17.47
C MET A 458 15.26 -3.81 17.21
N GLY A 459 16.55 -3.99 17.53
CA GLY A 459 17.57 -2.99 17.27
C GLY A 459 17.75 -2.71 15.79
N ILE A 460 17.85 -3.78 14.99
CA ILE A 460 18.01 -3.60 13.56
C ILE A 460 16.77 -2.95 12.97
N TYR A 461 15.60 -3.34 13.48
CA TYR A 461 14.31 -2.78 12.99
C TYR A 461 14.33 -1.27 13.24
N ALA A 462 14.72 -0.80 14.43
CA ALA A 462 14.74 0.62 14.75
C ALA A 462 15.79 1.35 13.92
N VAL A 463 16.95 0.73 13.71
CA VAL A 463 17.96 1.36 12.87
C VAL A 463 17.42 1.56 11.46
N MET A 464 16.72 0.57 10.92
CA MET A 464 16.13 0.72 9.60
C MET A 464 15.09 1.84 9.59
N ILE A 465 14.27 1.93 10.63
CA ILE A 465 13.29 3.01 10.70
C ILE A 465 13.98 4.37 10.61
N GLU A 466 15.04 4.58 11.38
CA GLU A 466 15.74 5.89 11.42
C GLU A 466 16.54 6.11 10.13
N LYS A 467 17.02 5.04 9.49
CA LYS A 467 17.76 5.18 8.24
C LYS A 467 16.85 5.41 7.05
N MET A 468 15.55 5.15 7.19
CA MET A 468 14.55 5.42 6.12
C MET A 468 13.90 6.78 6.37
N ILE A 469 13.68 7.16 7.64
CA ILE A 469 13.17 8.47 8.01
C ILE A 469 14.14 9.54 7.55
N LEU A 470 15.44 9.23 7.60
CA LEU A 470 16.47 10.23 7.40
C LEU A 470 17.04 10.26 5.99
N ARG A 471 16.70 9.29 5.15
CA ARG A 471 17.28 9.24 3.81
C ARG A 471 16.25 9.16 2.70
N ASP A 472 15.17 8.39 2.91
CA ASP A 472 14.16 8.14 1.84
C ASP A 472 12.88 8.94 2.08
N LEU A 473 12.75 9.66 3.21
CA LEU A 473 11.52 10.36 3.54
C LEU A 473 11.55 11.81 3.06
N CYS A 474 12.53 12.59 3.52
CA CYS A 474 12.60 13.99 3.10
C CYS A 474 12.65 14.11 1.58
N ARG A 475 13.27 13.12 0.91
CA ARG A 475 13.42 13.17 -0.53
C ARG A 475 12.09 13.47 -1.21
N PHE A 476 11.06 12.72 -0.79
CA PHE A 476 9.69 12.81 -1.35
C PHE A 476 8.85 13.76 -0.51
N MET A 477 9.30 14.16 0.69
CA MET A 477 8.58 15.14 1.48
C MET A 477 8.67 16.52 0.85
N PHE A 478 9.86 16.88 0.37
CA PHE A 478 10.00 18.16 -0.32
C PHE A 478 9.04 18.24 -1.50
N VAL A 479 9.01 17.19 -2.33
CA VAL A 479 8.18 17.20 -3.52
C VAL A 479 6.70 17.23 -3.15
N TYR A 480 6.31 16.44 -2.16
CA TYR A 480 4.91 16.41 -1.77
C TYR A 480 4.46 17.75 -1.23
N LEU A 481 5.29 18.40 -0.41
CA LEU A 481 4.95 19.72 0.08
C LEU A 481 4.83 20.72 -1.07
N VAL A 482 5.75 20.66 -2.04
CA VAL A 482 5.67 21.58 -3.17
C VAL A 482 4.36 21.39 -3.91
N PHE A 483 4.02 20.14 -4.23
CA PHE A 483 2.81 19.86 -4.98
C PHE A 483 1.56 20.28 -4.19
N LEU A 484 1.52 19.93 -2.91
CA LEU A 484 0.37 20.28 -2.10
C LEU A 484 0.20 21.79 -2.02
N PHE A 485 1.30 22.52 -1.80
CA PHE A 485 1.21 23.97 -1.73
C PHE A 485 0.71 24.55 -3.05
N GLY A 486 1.26 24.08 -4.17
CA GLY A 486 0.85 24.63 -5.46
C GLY A 486 -0.62 24.40 -5.73
N PHE A 487 -1.08 23.15 -5.55
CA PHE A 487 -2.47 22.85 -5.89
C PHE A 487 -3.44 23.50 -4.92
N SER A 488 -3.11 23.53 -3.62
CA SER A 488 -3.96 24.20 -2.66
C SER A 488 -4.05 25.69 -2.96
N THR A 489 -2.92 26.31 -3.31
CA THR A 489 -2.95 27.72 -3.68
C THR A 489 -3.85 27.96 -4.88
N ALA A 490 -3.73 27.10 -5.90
CA ALA A 490 -4.60 27.23 -7.06
C ALA A 490 -6.06 27.13 -6.66
N VAL A 491 -6.41 26.12 -5.85
CA VAL A 491 -7.80 25.90 -5.50
C VAL A 491 -8.34 27.09 -4.71
N VAL A 492 -7.59 27.57 -3.74
CA VAL A 492 -8.08 28.69 -2.94
C VAL A 492 -8.17 29.95 -3.80
N THR A 493 -7.32 30.07 -4.82
CA THR A 493 -7.49 31.17 -5.78
C THR A 493 -8.81 31.05 -6.50
N LEU A 494 -9.18 29.83 -6.91
CA LEU A 494 -10.46 29.65 -7.59
C LEU A 494 -11.63 29.93 -6.67
N ILE A 495 -11.54 29.50 -5.41
CA ILE A 495 -12.64 29.72 -4.47
C ILE A 495 -12.85 31.21 -4.26
N GLU A 496 -14.11 31.61 -4.08
CA GLU A 496 -14.45 33.02 -3.92
C GLU A 496 -14.50 33.41 -2.44
N ASP A 497 -15.39 32.77 -1.68
CA ASP A 497 -15.58 33.14 -0.28
C ASP A 497 -16.14 31.95 0.50
N GLY A 498 -16.01 32.02 1.81
CA GLY A 498 -16.56 31.05 2.73
C GLY A 498 -15.50 30.55 3.68
N LYS A 499 -15.86 29.51 4.44
CA LYS A 499 -14.91 28.86 5.32
C LYS A 499 -13.70 28.34 4.56
N TYR A 500 -13.86 28.12 3.26
CA TYR A 500 -12.88 27.37 2.48
C TYR A 500 -11.93 28.28 1.73
N ASN A 501 -12.12 29.61 1.87
CA ASN A 501 -11.33 30.61 1.11
C ASN A 501 -10.00 30.90 1.82
N SER A 502 -9.78 30.41 3.05
CA SER A 502 -8.50 30.57 3.71
C SER A 502 -7.48 29.66 3.04
N LEU A 503 -6.26 29.67 3.58
CA LEU A 503 -5.20 28.83 3.02
C LEU A 503 -4.94 27.59 3.86
N TYR A 504 -4.99 27.69 5.18
CA TYR A 504 -4.72 26.52 6.01
C TYR A 504 -5.87 25.53 5.96
N SER A 505 -7.10 26.01 5.90
CA SER A 505 -8.23 25.11 5.77
C SER A 505 -8.12 24.29 4.50
N THR A 506 -7.84 24.94 3.38
CA THR A 506 -7.74 24.21 2.12
C THR A 506 -6.50 23.32 2.09
N CYS A 507 -5.40 23.74 2.71
CA CYS A 507 -4.23 22.86 2.78
C CYS A 507 -4.55 21.60 3.56
N LEU A 508 -5.24 21.73 4.69
CA LEU A 508 -5.64 20.55 5.44
C LEU A 508 -6.57 19.67 4.62
N GLU A 509 -7.51 20.27 3.91
CA GLU A 509 -8.52 19.51 3.19
C GLU A 509 -8.00 18.92 1.89
N LEU A 510 -6.86 19.39 1.39
CA LEU A 510 -6.17 18.70 0.32
C LEU A 510 -5.20 17.66 0.85
N PHE A 511 -4.66 17.87 2.05
CA PHE A 511 -3.85 16.84 2.69
C PHE A 511 -4.70 15.63 3.06
N LYS A 512 -5.97 15.85 3.41
CA LYS A 512 -6.84 14.76 3.79
C LYS A 512 -6.96 13.70 2.69
N PHE A 513 -6.77 14.09 1.42
CA PHE A 513 -6.80 13.09 0.35
C PHE A 513 -5.72 12.04 0.55
N THR A 514 -4.62 12.40 1.21
CA THR A 514 -3.49 11.48 1.35
C THR A 514 -3.75 10.41 2.41
N ILE A 515 -4.57 10.70 3.41
CA ILE A 515 -4.82 9.75 4.49
C ILE A 515 -6.09 8.97 4.19
N GLY A 516 -6.50 8.95 2.93
CA GLY A 516 -7.69 8.23 2.54
C GLY A 516 -8.97 8.80 3.12
N MET A 517 -9.10 10.13 3.12
CA MET A 517 -10.28 10.78 3.65
C MET A 517 -10.74 11.92 2.74
N GLY A 518 -10.46 11.81 1.45
CA GLY A 518 -10.78 12.88 0.53
C GLY A 518 -12.28 13.11 0.40
N ASP A 519 -12.62 14.34 0.02
CA ASP A 519 -14.01 14.77 -0.06
C ASP A 519 -14.49 14.97 -1.49
N LEU A 520 -13.79 15.78 -2.28
CA LEU A 520 -14.09 16.09 -3.68
C LEU A 520 -15.35 16.94 -3.84
N GLU A 521 -16.06 17.26 -2.76
CA GLU A 521 -17.24 18.10 -2.84
C GLU A 521 -17.28 19.08 -1.66
N PHE A 522 -16.12 19.37 -1.07
CA PHE A 522 -16.11 20.10 0.20
C PHE A 522 -16.62 21.52 0.06
N THR A 523 -16.75 22.04 -1.15
CA THR A 523 -17.23 23.40 -1.31
C THR A 523 -17.80 23.58 -2.70
N GLU A 524 -18.84 24.40 -2.81
CA GLU A 524 -19.43 24.78 -4.08
C GLU A 524 -19.61 26.28 -4.16
N ASN A 525 -18.81 27.03 -3.41
CA ASN A 525 -18.82 28.49 -3.45
C ASN A 525 -17.73 28.97 -4.40
N TYR A 526 -17.97 28.76 -5.68
CA TYR A 526 -17.01 29.10 -6.72
C TYR A 526 -17.75 29.21 -8.05
N ASP A 527 -16.98 29.25 -9.14
CA ASP A 527 -17.49 29.09 -10.48
C ASP A 527 -16.65 28.04 -11.20
N PHE A 528 -17.07 27.67 -12.41
CA PHE A 528 -16.32 26.70 -13.25
C PHE A 528 -16.10 25.41 -12.45
N LYS A 529 -17.15 24.64 -12.17
CA LYS A 529 -16.98 23.37 -11.49
C LYS A 529 -16.02 22.45 -12.22
N ALA A 530 -15.96 22.56 -13.55
CA ALA A 530 -15.03 21.72 -14.31
C ALA A 530 -13.59 21.98 -13.89
N VAL A 531 -13.24 23.25 -13.69
CA VAL A 531 -11.87 23.59 -13.30
C VAL A 531 -11.56 23.03 -11.92
N PHE A 532 -12.48 23.18 -10.98
CA PHE A 532 -12.28 22.65 -9.64
C PHE A 532 -12.07 21.14 -9.69
N ILE A 533 -12.94 20.43 -10.41
CA ILE A 533 -12.84 18.98 -10.45
C ILE A 533 -11.55 18.55 -11.12
N ILE A 534 -11.17 19.20 -12.22
CA ILE A 534 -9.98 18.77 -12.93
C ILE A 534 -8.73 19.04 -12.10
N LEU A 535 -8.70 20.16 -11.39
CA LEU A 535 -7.57 20.41 -10.49
C LEU A 535 -7.49 19.34 -9.43
N LEU A 536 -8.61 19.01 -8.80
CA LEU A 536 -8.58 18.02 -7.74
C LEU A 536 -8.16 16.65 -8.27
N LEU A 537 -8.65 16.26 -9.44
CA LEU A 537 -8.25 14.99 -10.02
C LEU A 537 -6.76 14.98 -10.35
N ALA A 538 -6.25 16.06 -10.94
CA ALA A 538 -4.83 16.13 -11.21
C ALA A 538 -4.03 15.96 -9.92
N TYR A 539 -4.45 16.65 -8.86
CA TYR A 539 -3.76 16.50 -7.59
C TYR A 539 -3.80 15.07 -7.09
N VAL A 540 -4.97 14.42 -7.23
CA VAL A 540 -5.11 13.06 -6.70
C VAL A 540 -4.18 12.10 -7.43
N ILE A 541 -4.19 12.18 -8.76
CA ILE A 541 -3.36 11.31 -9.63
C ILE A 541 -1.88 11.60 -9.37
N LEU A 542 -1.50 12.86 -9.11
CA LEU A 542 -0.11 13.20 -8.86
C LEU A 542 0.36 12.68 -7.51
N THR A 543 -0.43 12.89 -6.46
CA THR A 543 0.01 12.43 -5.14
C THR A 543 0.01 10.90 -5.05
N TYR A 544 -0.90 10.22 -5.75
CA TYR A 544 -0.91 8.77 -5.64
C TYR A 544 0.21 8.13 -6.48
N ILE A 545 0.57 8.72 -7.63
CA ILE A 545 1.81 8.28 -8.26
C ILE A 545 2.99 8.62 -7.37
N LEU A 546 2.89 9.70 -6.60
CA LEU A 546 3.97 10.05 -5.70
C LEU A 546 4.18 8.96 -4.64
N LEU A 547 3.08 8.46 -4.07
CA LEU A 547 3.20 7.36 -3.11
C LEU A 547 3.64 6.06 -3.78
N LEU A 548 3.15 5.79 -4.99
CA LEU A 548 3.62 4.61 -5.73
C LEU A 548 5.12 4.66 -5.91
N ASN A 549 5.63 5.80 -6.40
CA ASN A 549 7.06 5.96 -6.62
C ASN A 549 7.81 5.93 -5.31
N MET A 550 7.23 6.50 -4.25
CA MET A 550 7.73 6.31 -2.90
C MET A 550 8.06 4.85 -2.64
N LEU A 551 7.04 4.00 -2.72
CA LEU A 551 7.22 2.59 -2.39
C LEU A 551 8.23 1.93 -3.32
N ILE A 552 8.14 2.17 -4.63
CA ILE A 552 9.00 1.45 -5.62
C ILE A 552 10.46 1.94 -5.51
N ALA A 553 10.73 3.18 -5.10
CA ALA A 553 12.09 3.64 -4.88
C ALA A 553 12.62 3.15 -3.55
N LEU A 554 11.82 3.21 -2.48
CA LEU A 554 12.29 2.78 -1.19
C LEU A 554 12.49 1.27 -1.12
N MET A 555 11.89 0.53 -2.05
CA MET A 555 12.08 -0.94 -2.16
C MET A 555 13.36 -1.18 -2.97
N GLY A 556 13.53 -0.48 -4.10
CA GLY A 556 14.74 -0.64 -4.89
C GLY A 556 15.95 -0.31 -4.05
N GLU A 557 15.79 0.62 -3.12
CA GLU A 557 16.77 0.85 -2.08
C GLU A 557 16.36 0.10 -0.82
N THR A 558 17.18 0.22 0.23
CA THR A 558 16.88 -0.36 1.58
C THR A 558 16.27 -1.76 1.54
N VAL A 559 16.56 -2.59 0.54
CA VAL A 559 16.14 -3.98 0.55
C VAL A 559 17.35 -4.84 0.25
N ASN A 560 17.91 -4.70 -0.95
CA ASN A 560 19.20 -5.30 -1.27
C ASN A 560 20.35 -4.36 -0.97
N LYS A 561 20.05 -3.11 -0.61
CA LYS A 561 21.10 -2.15 -0.29
C LYS A 561 21.48 -2.18 1.18
N ILE A 562 20.52 -2.40 2.08
CA ILE A 562 20.77 -2.33 3.51
C ILE A 562 20.22 -3.54 4.25
N ALA A 563 21.05 -4.57 4.43
CA ALA A 563 20.80 -5.56 5.46
C ALA A 563 21.97 -5.59 6.43
N GLN A 564 23.17 -5.84 5.90
CA GLN A 564 24.37 -5.74 6.73
C GLN A 564 24.77 -4.30 6.97
N GLU A 565 24.43 -3.38 6.08
CA GLU A 565 24.64 -1.98 6.33
C GLU A 565 23.73 -1.45 7.43
N SER A 566 22.79 -2.27 7.91
CA SER A 566 22.05 -2.00 9.13
C SER A 566 22.52 -2.82 10.31
N LYS A 567 22.90 -4.08 10.10
CA LYS A 567 23.45 -4.86 11.19
C LYS A 567 24.71 -4.22 11.76
N ASN A 568 25.59 -3.72 10.89
CA ASN A 568 26.80 -3.04 11.36
C ASN A 568 26.45 -1.80 12.16
N ILE A 569 25.46 -1.04 11.71
CA ILE A 569 25.05 0.15 12.46
C ILE A 569 24.60 -0.24 13.84
N TRP A 570 23.78 -1.30 13.94
CA TRP A 570 23.32 -1.75 15.25
C TRP A 570 24.48 -2.16 16.13
N LYS A 571 25.46 -2.89 15.56
CA LYS A 571 26.60 -3.31 16.35
C LYS A 571 27.36 -2.11 16.88
N LEU A 572 27.55 -1.09 16.05
CA LEU A 572 28.27 0.09 16.51
C LEU A 572 27.49 0.82 17.59
N GLN A 573 26.17 0.91 17.45
CA GLN A 573 25.36 1.56 18.49
C GLN A 573 25.50 0.83 19.81
N ARG A 574 25.43 -0.50 19.78
CA ARG A 574 25.55 -1.27 21.02
C ARG A 574 26.94 -1.12 21.61
N ALA A 575 27.96 -1.08 20.77
CA ALA A 575 29.32 -0.89 21.28
C ALA A 575 29.46 0.47 21.97
N ILE A 576 28.91 1.51 21.37
CA ILE A 576 28.96 2.83 21.99
C ILE A 576 28.25 2.81 23.34
N THR A 577 27.08 2.16 23.40
CA THR A 577 26.35 2.09 24.66
C THR A 577 27.14 1.34 25.72
N ILE A 578 27.80 0.24 25.33
CA ILE A 578 28.59 -0.52 26.28
C ILE A 578 29.72 0.32 26.82
N LEU A 579 30.44 1.03 25.94
CA LEU A 579 31.53 1.86 26.40
C LEU A 579 31.04 2.96 27.33
N ASP A 580 29.92 3.60 26.98
CA ASP A 580 29.38 4.66 27.82
C ASP A 580 29.03 4.11 29.20
N THR A 581 28.36 2.97 29.25
CA THR A 581 27.98 2.41 30.55
C THR A 581 29.21 2.05 31.36
N GLU A 582 30.22 1.45 30.72
CA GLU A 582 31.44 1.10 31.45
C GLU A 582 32.10 2.33 32.02
N LYS A 583 32.17 3.41 31.25
CA LYS A 583 32.80 4.63 31.74
C LYS A 583 31.95 5.29 32.82
N SER A 584 30.64 5.06 32.81
CA SER A 584 29.74 5.76 33.73
C SER A 584 29.82 5.21 35.14
N ASP B 279 15.68 -49.36 0.23
CA ASP B 279 15.24 -50.29 1.26
C ASP B 279 14.49 -49.56 2.37
N LEU B 280 13.45 -50.20 2.90
CA LEU B 280 12.63 -49.65 3.98
C LEU B 280 12.71 -50.60 5.16
N SER B 281 13.75 -50.42 5.98
CA SER B 281 13.93 -51.21 7.20
C SER B 281 14.27 -50.26 8.32
N CYS B 282 13.41 -50.23 9.34
CA CYS B 282 13.49 -49.28 10.45
C CYS B 282 13.33 -47.84 9.98
N ILE B 283 12.91 -47.63 8.73
CA ILE B 283 12.61 -46.28 8.29
C ILE B 283 11.24 -45.83 8.80
N ASP B 284 10.32 -46.78 8.99
CA ASP B 284 8.98 -46.44 9.45
C ASP B 284 8.52 -47.30 10.62
N THR B 285 8.96 -48.55 10.67
CA THR B 285 8.37 -49.54 11.56
C THR B 285 9.42 -50.21 12.43
N CYS B 286 10.37 -49.43 12.94
CA CYS B 286 11.36 -50.02 13.84
C CYS B 286 10.70 -50.64 15.05
N GLU B 287 9.52 -50.13 15.44
CA GLU B 287 8.81 -50.45 16.66
C GLU B 287 9.44 -49.75 17.86
N LYS B 288 10.61 -49.14 17.70
CA LYS B 288 11.26 -48.34 18.73
C LYS B 288 11.46 -46.90 18.30
N ASN B 289 12.09 -46.70 17.15
CA ASN B 289 12.36 -45.35 16.63
C ASN B 289 12.57 -45.46 15.12
N SER B 290 11.85 -44.64 14.36
CA SER B 290 11.94 -44.65 12.92
C SER B 290 12.47 -43.31 12.43
N VAL B 291 13.29 -43.35 11.38
CA VAL B 291 13.90 -42.11 10.88
C VAL B 291 12.83 -41.12 10.48
N LEU B 292 11.79 -41.57 9.81
CA LEU B 292 10.71 -40.67 9.42
C LEU B 292 10.04 -40.06 10.65
N GLU B 293 9.76 -40.89 11.65
CA GLU B 293 9.16 -40.38 12.88
C GLU B 293 10.05 -39.36 13.55
N VAL B 294 11.35 -39.68 13.68
CA VAL B 294 12.25 -38.80 14.39
C VAL B 294 12.37 -37.46 13.68
N ILE B 295 12.52 -37.49 12.35
CA ILE B 295 12.60 -36.25 11.60
C ILE B 295 11.31 -35.45 11.77
N ALA B 296 10.16 -36.13 11.75
CA ALA B 296 8.89 -35.43 11.82
C ALA B 296 8.71 -34.75 13.18
N TYR B 297 8.89 -35.50 14.26
CA TYR B 297 8.58 -35.00 15.59
C TYR B 297 9.71 -34.20 16.21
N SER B 298 10.83 -34.06 15.49
CA SER B 298 12.00 -33.25 15.95
C SER B 298 11.55 -31.80 16.19
N SER B 299 11.96 -31.17 17.28
CA SER B 299 11.59 -29.80 17.61
C SER B 299 12.52 -28.83 16.88
N SER B 300 12.49 -27.56 17.28
CA SER B 300 13.34 -26.55 16.66
C SER B 300 14.82 -26.80 16.94
N GLU B 301 15.15 -27.69 17.88
CA GLU B 301 16.56 -27.97 18.15
C GLU B 301 17.26 -28.54 16.92
N THR B 302 16.59 -29.44 16.21
CA THR B 302 17.19 -30.04 15.02
C THR B 302 17.50 -28.96 14.00
N PRO B 303 18.77 -28.77 13.61
CA PRO B 303 19.11 -27.63 12.74
C PRO B 303 18.48 -27.69 11.34
N ASN B 304 18.73 -28.77 10.61
CA ASN B 304 18.48 -28.84 9.18
C ASN B 304 17.22 -29.64 8.85
N ARG B 305 16.20 -29.52 9.70
CA ARG B 305 15.03 -30.37 9.57
C ARG B 305 14.21 -30.04 8.32
N HIS B 306 13.93 -28.76 8.10
CA HIS B 306 12.90 -28.39 7.12
C HIS B 306 13.19 -29.00 5.76
N ASP B 307 14.46 -29.07 5.37
CA ASP B 307 14.86 -29.68 4.11
C ASP B 307 15.37 -31.10 4.28
N MET B 308 15.33 -31.65 5.49
CA MET B 308 15.77 -33.03 5.70
C MET B 308 14.92 -34.02 4.91
N LEU B 309 13.68 -33.64 4.56
CA LEU B 309 12.85 -34.48 3.71
C LEU B 309 13.16 -34.33 2.23
N LEU B 310 14.04 -33.39 1.87
CA LEU B 310 14.39 -33.22 0.46
C LEU B 310 14.97 -34.50 -0.12
N VAL B 311 15.64 -35.28 0.72
CA VAL B 311 16.18 -36.59 0.28
C VAL B 311 15.08 -37.33 -0.50
N GLU B 312 15.43 -38.00 -1.59
CA GLU B 312 14.48 -38.85 -2.37
C GLU B 312 13.84 -40.03 -1.63
N PRO B 313 14.50 -40.85 -0.78
CA PRO B 313 13.82 -42.00 -0.16
C PRO B 313 12.62 -41.60 0.70
N LEU B 314 12.69 -40.44 1.37
CA LEU B 314 11.60 -39.97 2.27
C LEU B 314 10.50 -39.30 1.47
N ASN B 315 10.82 -38.59 0.38
CA ASN B 315 9.84 -37.82 -0.38
C ASN B 315 8.90 -38.76 -1.14
N ARG B 316 9.46 -39.71 -1.87
CA ARG B 316 8.62 -40.63 -2.64
C ARG B 316 7.75 -41.48 -1.72
N LEU B 317 8.31 -41.95 -0.61
CA LEU B 317 7.53 -42.77 0.32
C LEU B 317 6.33 -41.99 0.84
N LEU B 318 6.56 -40.75 1.30
CA LEU B 318 5.47 -39.95 1.81
C LEU B 318 4.44 -39.67 0.73
N GLN B 319 4.89 -39.35 -0.48
CA GLN B 319 3.95 -39.06 -1.56
C GLN B 319 3.07 -40.26 -1.83
N ASP B 320 3.68 -41.45 -1.90
CA ASP B 320 2.91 -42.66 -2.19
C ASP B 320 1.90 -42.92 -1.08
N LYS B 321 2.32 -42.82 0.18
CA LYS B 321 1.40 -43.07 1.29
C LYS B 321 0.22 -42.11 1.25
N TRP B 322 0.52 -40.82 1.12
CA TRP B 322 -0.52 -39.82 0.99
C TRP B 322 -1.51 -40.22 -0.09
N ASP B 323 -1.02 -40.30 -1.33
CA ASP B 323 -1.89 -40.57 -2.47
C ASP B 323 -2.70 -41.84 -2.25
N ARG B 324 -2.11 -42.85 -1.62
CA ARG B 324 -2.79 -44.13 -1.51
C ARG B 324 -3.99 -44.05 -0.57
N PHE B 325 -3.80 -43.53 0.64
CA PHE B 325 -4.97 -43.45 1.54
C PHE B 325 -5.11 -42.17 2.34
N VAL B 326 -4.04 -41.43 2.60
CA VAL B 326 -4.18 -40.32 3.53
C VAL B 326 -4.93 -39.17 2.89
N LYS B 327 -4.87 -39.03 1.56
CA LYS B 327 -5.66 -38.01 0.90
C LYS B 327 -7.14 -38.21 1.19
N ARG B 328 -7.64 -39.43 1.04
CA ARG B 328 -9.05 -39.70 1.29
C ARG B 328 -9.38 -39.48 2.76
N ILE B 329 -8.54 -39.99 3.67
CA ILE B 329 -8.84 -39.79 5.09
C ILE B 329 -8.87 -38.31 5.44
N PHE B 330 -7.92 -37.54 4.90
CA PHE B 330 -7.84 -36.12 5.20
C PHE B 330 -9.05 -35.38 4.67
N TYR B 331 -9.47 -35.69 3.44
CA TYR B 331 -10.66 -35.02 2.90
C TYR B 331 -11.89 -35.36 3.72
N PHE B 332 -12.04 -36.62 4.14
CA PHE B 332 -13.17 -36.98 4.97
C PHE B 332 -13.17 -36.19 6.27
N ASN B 333 -12.01 -36.10 6.92
CA ASN B 333 -11.92 -35.37 8.19
C ASN B 333 -12.21 -33.89 8.00
N PHE B 334 -11.70 -33.29 6.93
CA PHE B 334 -12.00 -31.89 6.66
C PHE B 334 -13.49 -31.68 6.44
N PHE B 335 -14.13 -32.58 5.69
CA PHE B 335 -15.56 -32.45 5.46
C PHE B 335 -16.33 -32.52 6.78
N VAL B 336 -15.97 -33.48 7.63
CA VAL B 336 -16.67 -33.60 8.90
C VAL B 336 -16.48 -32.35 9.74
N TYR B 337 -15.25 -31.82 9.78
CA TYR B 337 -15.00 -30.62 10.57
C TYR B 337 -15.78 -29.43 10.04
N CYS B 338 -15.81 -29.26 8.73
CA CYS B 338 -16.56 -28.14 8.15
C CYS B 338 -18.04 -28.27 8.47
N LEU B 339 -18.58 -29.48 8.39
CA LEU B 339 -19.98 -29.69 8.74
C LEU B 339 -20.22 -29.37 10.21
N TYR B 340 -19.28 -29.77 11.08
CA TYR B 340 -19.35 -29.41 12.49
C TYR B 340 -19.42 -27.90 12.67
N MET B 341 -18.57 -27.17 11.95
CA MET B 341 -18.57 -25.72 12.08
C MET B 341 -19.87 -25.11 11.60
N ILE B 342 -20.43 -25.63 10.50
CA ILE B 342 -21.71 -25.12 10.04
C ILE B 342 -22.79 -25.35 11.10
N ILE B 343 -22.81 -26.54 11.69
CA ILE B 343 -23.81 -26.82 12.73
C ILE B 343 -23.65 -25.88 13.90
N PHE B 344 -22.40 -25.69 14.35
CA PHE B 344 -22.15 -24.81 15.49
C PHE B 344 -22.58 -23.38 15.17
N THR B 345 -22.27 -22.91 13.97
CA THR B 345 -22.65 -21.56 13.58
C THR B 345 -24.16 -21.40 13.59
N ALA B 346 -24.88 -22.39 13.04
CA ALA B 346 -26.34 -22.31 13.03
C ALA B 346 -26.89 -22.31 14.44
N ALA B 347 -26.31 -23.13 15.33
CA ALA B 347 -26.78 -23.17 16.71
C ALA B 347 -26.57 -21.84 17.39
N ALA B 348 -25.43 -21.21 17.16
CA ALA B 348 -25.11 -19.97 17.85
C ALA B 348 -25.91 -18.79 17.29
N TYR B 349 -26.10 -18.74 15.98
CA TYR B 349 -26.73 -17.58 15.37
C TYR B 349 -28.16 -17.39 15.88
N TYR B 350 -28.92 -18.48 15.96
CA TYR B 350 -30.33 -18.41 16.36
C TYR B 350 -30.51 -18.57 17.86
N ARG B 351 -29.55 -18.13 18.66
CA ARG B 351 -29.64 -18.29 20.10
C ARG B 351 -30.82 -17.49 20.63
N PRO B 352 -31.40 -17.90 21.76
CA PRO B 352 -32.46 -17.11 22.37
C PRO B 352 -31.92 -15.81 22.94
N VAL B 353 -32.80 -14.82 23.04
CA VAL B 353 -32.50 -13.55 23.70
C VAL B 353 -33.61 -13.29 24.70
N PRO B 357 -29.74 -17.11 31.80
CA PRO B 357 -29.66 -18.49 31.30
C PRO B 357 -29.63 -19.49 32.45
N PRO B 358 -29.83 -20.78 32.18
CA PRO B 358 -30.12 -21.38 30.87
C PRO B 358 -31.56 -21.16 30.43
N TYR B 359 -31.86 -21.47 29.16
CA TYR B 359 -33.20 -21.26 28.57
C TYR B 359 -33.87 -22.61 28.34
N LYS B 360 -35.05 -22.84 28.91
CA LYS B 360 -35.76 -24.09 28.78
C LYS B 360 -36.29 -24.27 27.35
N LEU B 361 -36.04 -25.45 26.80
CA LEU B 361 -36.46 -25.74 25.43
C LEU B 361 -37.97 -25.91 25.37
N LYS B 362 -38.58 -25.32 24.36
CA LYS B 362 -40.02 -25.38 24.15
C LYS B 362 -40.35 -26.52 23.19
N ASN B 363 -41.62 -26.61 22.79
CA ASN B 363 -42.09 -27.64 21.87
C ASN B 363 -42.19 -27.02 20.47
N THR B 364 -41.14 -27.20 19.67
CA THR B 364 -41.08 -26.65 18.30
C THR B 364 -39.94 -27.34 17.57
N VAL B 365 -40.01 -27.49 16.25
CA VAL B 365 -38.88 -28.02 15.49
C VAL B 365 -37.66 -27.11 15.67
N GLY B 366 -37.88 -25.80 15.68
CA GLY B 366 -36.77 -24.88 15.87
C GLY B 366 -36.03 -25.11 17.17
N ASP B 367 -36.78 -25.27 18.26
CA ASP B 367 -36.15 -25.51 19.56
C ASP B 367 -35.39 -26.83 19.56
N TYR B 368 -35.97 -27.87 18.99
CA TYR B 368 -35.30 -29.16 18.95
C TYR B 368 -33.98 -29.07 18.19
N PHE B 369 -34.01 -28.44 17.01
CA PHE B 369 -32.80 -28.31 16.22
C PHE B 369 -31.76 -27.47 16.96
N ARG B 370 -32.20 -26.39 17.61
CA ARG B 370 -31.27 -25.54 18.34
C ARG B 370 -30.59 -26.32 19.46
N VAL B 371 -31.39 -27.06 20.24
CA VAL B 371 -30.84 -27.80 21.38
C VAL B 371 -29.85 -28.86 20.90
N THR B 372 -30.24 -29.62 19.88
CA THR B 372 -29.34 -30.66 19.39
C THR B 372 -28.08 -30.05 18.78
N GLY B 373 -28.21 -28.91 18.10
CA GLY B 373 -27.03 -28.28 17.52
C GLY B 373 -26.05 -27.81 18.57
N GLU B 374 -26.55 -27.17 19.63
CA GLU B 374 -25.63 -26.70 20.67
C GLU B 374 -25.08 -27.88 21.46
N ILE B 375 -25.84 -28.96 21.60
CA ILE B 375 -25.30 -30.18 22.21
C ILE B 375 -24.14 -30.72 21.38
N LEU B 376 -24.33 -30.77 20.06
CA LEU B 376 -23.26 -31.26 19.19
C LEU B 376 -22.04 -30.35 19.27
N SER B 377 -22.25 -29.04 19.31
CA SER B 377 -21.13 -28.11 19.42
C SER B 377 -20.36 -28.34 20.71
N VAL B 378 -21.06 -28.52 21.83
CA VAL B 378 -20.38 -28.77 23.09
C VAL B 378 -19.64 -30.11 23.05
N SER B 379 -20.24 -31.10 22.39
CA SER B 379 -19.65 -32.47 22.26
C SER B 379 -18.36 -32.36 21.45
N GLY B 380 -18.31 -31.52 20.42
CA GLY B 380 -17.08 -31.25 19.69
C GLY B 380 -16.06 -30.53 20.55
N GLY B 381 -16.53 -29.57 21.35
CA GLY B 381 -15.62 -28.87 22.23
C GLY B 381 -14.90 -29.80 23.19
N VAL B 382 -15.66 -30.69 23.83
CA VAL B 382 -15.03 -31.60 24.80
C VAL B 382 -14.10 -32.58 24.09
N TYR B 383 -14.48 -33.02 22.89
CA TYR B 383 -13.59 -33.93 22.15
C TYR B 383 -12.28 -33.25 21.81
N PHE B 384 -12.34 -32.00 21.34
CA PHE B 384 -11.12 -31.26 21.07
C PHE B 384 -10.29 -31.09 22.32
N PHE B 385 -10.95 -30.80 23.45
CA PHE B 385 -10.25 -30.69 24.72
C PHE B 385 -9.48 -31.96 25.04
N PHE B 386 -10.15 -33.11 24.93
CA PHE B 386 -9.48 -34.37 25.28
C PHE B 386 -8.33 -34.67 24.33
N ARG B 387 -8.52 -34.44 23.03
CA ARG B 387 -7.44 -34.69 22.08
C ARG B 387 -6.24 -33.82 22.41
N GLY B 388 -6.46 -32.54 22.70
CA GLY B 388 -5.36 -31.66 23.06
C GLY B 388 -4.66 -32.11 24.33
N ILE B 389 -5.44 -32.52 25.32
CA ILE B 389 -4.84 -32.97 26.59
C ILE B 389 -3.94 -34.17 26.35
N GLN B 390 -4.43 -35.16 25.60
CA GLN B 390 -3.60 -36.35 25.40
C GLN B 390 -2.37 -36.03 24.56
N TYR B 391 -2.51 -35.15 23.57
CA TYR B 391 -1.33 -34.75 22.81
C TYR B 391 -0.30 -34.06 23.71
N PHE B 392 -0.76 -33.17 24.59
CA PHE B 392 0.18 -32.50 25.48
C PHE B 392 0.85 -33.48 26.43
N LEU B 393 0.09 -34.43 26.96
CA LEU B 393 0.68 -35.42 27.85
C LEU B 393 1.73 -36.26 27.13
N GLN B 394 1.44 -36.68 25.89
CA GLN B 394 2.38 -37.52 25.16
C GLN B 394 3.62 -36.76 24.75
N ARG B 395 3.44 -35.58 24.15
CA ARG B 395 4.57 -34.86 23.59
C ARG B 395 5.40 -34.20 24.68
N ARG B 396 4.76 -33.59 25.66
CA ARG B 396 5.46 -32.75 26.62
C ARG B 396 6.32 -31.75 25.86
N PRO B 397 5.70 -30.74 25.24
CA PRO B 397 6.47 -29.81 24.39
C PRO B 397 7.66 -29.20 25.11
N SER B 398 8.51 -28.51 24.34
CA SER B 398 9.80 -28.02 24.83
C SER B 398 9.66 -26.88 25.83
N LEU B 399 8.45 -26.35 26.04
CA LEU B 399 8.19 -25.20 26.91
C LEU B 399 8.71 -23.90 26.31
N LYS B 400 9.41 -23.95 25.19
CA LYS B 400 9.84 -22.79 24.43
C LYS B 400 9.40 -22.86 22.98
N SER B 401 9.32 -24.06 22.41
CA SER B 401 8.87 -24.25 21.04
C SER B 401 7.36 -24.42 20.95
N LEU B 402 6.65 -24.32 22.07
CA LEU B 402 5.22 -24.56 22.06
C LEU B 402 4.49 -23.63 21.08
N PHE B 403 5.06 -22.46 20.80
CA PHE B 403 4.43 -21.53 19.87
C PHE B 403 4.93 -21.72 18.44
N VAL B 404 6.26 -21.81 18.26
CA VAL B 404 6.80 -22.02 16.92
C VAL B 404 6.44 -23.40 16.42
N ASP B 405 6.42 -24.39 17.31
CA ASP B 405 6.00 -25.75 16.98
C ASP B 405 4.73 -26.07 17.76
N SER B 406 3.84 -26.82 17.10
CA SER B 406 2.53 -27.20 17.68
C SER B 406 1.64 -25.95 17.69
N TYR B 407 1.81 -25.01 16.75
CA TYR B 407 0.95 -23.83 16.66
C TYR B 407 -0.51 -24.23 16.46
N SER B 408 -0.77 -25.08 15.47
CA SER B 408 -2.14 -25.45 15.16
C SER B 408 -2.79 -26.18 16.33
N GLU B 409 -2.04 -27.09 16.97
CA GLU B 409 -2.62 -27.86 18.06
C GLU B 409 -2.93 -26.97 19.26
N ILE B 410 -2.05 -26.02 19.58
CA ILE B 410 -2.33 -25.11 20.69
C ILE B 410 -3.50 -24.21 20.34
N LEU B 411 -3.65 -23.81 19.07
CA LEU B 411 -4.83 -23.02 18.68
C LEU B 411 -6.11 -23.81 18.87
N PHE B 412 -6.11 -25.08 18.46
CA PHE B 412 -7.30 -25.91 18.66
C PHE B 412 -7.60 -26.04 20.14
N PHE B 413 -6.57 -26.24 20.96
CA PHE B 413 -6.79 -26.35 22.39
C PHE B 413 -7.38 -25.06 22.96
N VAL B 414 -6.90 -23.92 22.48
CA VAL B 414 -7.44 -22.64 22.95
C VAL B 414 -8.91 -22.51 22.59
N GLN B 415 -9.27 -22.92 21.38
CA GLN B 415 -10.68 -22.95 21.01
C GLN B 415 -11.49 -23.79 21.98
N SER B 416 -10.99 -24.99 22.27
CA SER B 416 -11.70 -25.88 23.18
C SER B 416 -11.87 -25.25 24.55
N LEU B 417 -10.82 -24.62 25.07
CA LEU B 417 -10.90 -23.95 26.36
C LEU B 417 -11.95 -22.84 26.33
N PHE B 418 -11.96 -22.05 25.26
CA PHE B 418 -12.94 -20.97 25.16
C PHE B 418 -14.35 -21.51 25.24
N MET B 419 -14.64 -22.58 24.49
CA MET B 419 -16.00 -23.10 24.48
C MET B 419 -16.35 -23.77 25.81
N LEU B 420 -15.38 -24.44 26.45
CA LEU B 420 -15.65 -25.05 27.73
C LEU B 420 -16.00 -24.00 28.77
N VAL B 421 -15.23 -22.90 28.81
CA VAL B 421 -15.55 -21.82 29.72
C VAL B 421 -16.89 -21.20 29.36
N SER B 422 -17.21 -21.14 28.07
CA SER B 422 -18.52 -20.65 27.66
C SER B 422 -19.63 -21.45 28.30
N VAL B 423 -19.55 -22.77 28.21
CA VAL B 423 -20.63 -23.59 28.76
C VAL B 423 -20.64 -23.49 30.28
N VAL B 424 -19.47 -23.42 30.91
CA VAL B 424 -19.41 -23.28 32.36
C VAL B 424 -20.14 -22.03 32.80
N LEU B 425 -19.88 -20.91 32.12
CA LEU B 425 -20.61 -19.68 32.42
C LEU B 425 -22.09 -19.84 32.11
N TYR B 426 -22.43 -20.54 31.03
CA TYR B 426 -23.82 -20.72 30.66
C TYR B 426 -24.62 -21.36 31.78
N PHE B 427 -24.11 -22.48 32.32
CA PHE B 427 -24.83 -23.17 33.38
C PHE B 427 -24.64 -22.52 34.74
N SER B 428 -23.80 -21.49 34.84
CA SER B 428 -23.60 -20.77 36.08
C SER B 428 -24.52 -19.56 36.19
N GLN B 429 -25.46 -19.40 35.25
CA GLN B 429 -26.42 -18.29 35.25
C GLN B 429 -25.71 -16.94 35.12
N ARG B 430 -24.92 -16.80 34.05
CA ARG B 430 -24.33 -15.53 33.67
C ARG B 430 -24.47 -15.36 32.17
N LYS B 431 -24.38 -14.11 31.72
CA LYS B 431 -24.58 -13.77 30.32
C LYS B 431 -23.27 -13.64 29.54
N GLU B 432 -22.17 -14.07 30.16
CA GLU B 432 -20.83 -14.00 29.53
C GLU B 432 -20.59 -15.29 28.73
N TYR B 433 -21.56 -16.21 28.67
CA TYR B 433 -21.40 -17.39 27.83
C TYR B 433 -21.42 -16.99 26.37
N VAL B 434 -22.20 -15.96 26.03
CA VAL B 434 -22.25 -15.52 24.64
C VAL B 434 -20.92 -14.93 24.21
N ALA B 435 -20.27 -14.18 25.09
CA ALA B 435 -18.95 -13.65 24.78
C ALA B 435 -17.96 -14.78 24.52
N SER B 436 -17.93 -15.77 25.42
CA SER B 436 -16.98 -16.90 25.31
C SER B 436 -17.35 -17.79 24.12
N MET B 437 -18.63 -17.82 23.72
CA MET B 437 -19.06 -18.56 22.54
C MET B 437 -18.61 -17.86 21.26
N VAL B 438 -18.78 -16.55 21.19
CA VAL B 438 -18.37 -15.84 19.98
C VAL B 438 -16.86 -15.89 19.81
N PHE B 439 -16.12 -15.80 20.91
CA PHE B 439 -14.67 -15.96 20.82
C PHE B 439 -14.31 -17.32 20.24
N SER B 440 -14.91 -18.38 20.78
CA SER B 440 -14.62 -19.73 20.31
C SER B 440 -15.02 -19.89 18.85
N LEU B 441 -16.15 -19.31 18.46
CA LEU B 441 -16.62 -19.48 17.09
C LEU B 441 -15.71 -18.77 16.10
N ALA B 442 -15.29 -17.54 16.41
CA ALA B 442 -14.35 -16.85 15.54
C ALA B 442 -13.03 -17.61 15.45
N MET B 443 -12.52 -18.08 16.59
CA MET B 443 -11.32 -18.90 16.56
C MET B 443 -11.51 -20.08 15.62
N GLY B 444 -12.60 -20.82 15.80
CA GLY B 444 -12.80 -22.02 15.01
C GLY B 444 -12.85 -21.73 13.53
N TRP B 445 -13.59 -20.69 13.14
CA TRP B 445 -13.66 -20.35 11.73
C TRP B 445 -12.29 -20.01 11.18
N THR B 446 -11.49 -19.25 11.95
CA THR B 446 -10.15 -18.94 11.49
C THR B 446 -9.23 -20.16 11.47
N ASN B 447 -9.60 -21.22 12.17
CA ASN B 447 -8.78 -22.46 12.24
C ASN B 447 -9.00 -23.34 11.01
N MET B 448 -9.78 -22.91 10.01
CA MET B 448 -9.96 -23.72 8.82
C MET B 448 -8.70 -23.75 7.96
N LEU B 449 -7.78 -22.81 8.15
CA LEU B 449 -6.52 -22.84 7.41
C LEU B 449 -5.74 -24.11 7.65
N TYR B 450 -5.95 -24.78 8.78
CA TYR B 450 -5.27 -26.05 9.03
C TYR B 450 -5.48 -27.03 7.89
N TYR B 451 -6.68 -27.04 7.31
CA TYR B 451 -7.04 -28.05 6.33
C TYR B 451 -6.66 -27.66 4.90
N THR B 452 -6.01 -26.51 4.72
CA THR B 452 -5.43 -26.22 3.41
C THR B 452 -4.33 -27.23 3.08
N ARG B 453 -3.69 -27.78 4.10
CA ARG B 453 -2.70 -28.84 3.87
C ARG B 453 -3.30 -29.91 2.97
N GLY B 454 -2.43 -30.55 2.20
CA GLY B 454 -2.87 -31.39 1.11
C GLY B 454 -3.10 -30.64 -0.18
N PHE B 455 -3.08 -29.32 -0.14
CA PHE B 455 -3.12 -28.47 -1.32
C PHE B 455 -1.82 -27.67 -1.39
N GLN B 456 -1.17 -27.69 -2.55
CA GLN B 456 0.15 -27.10 -2.68
C GLN B 456 0.12 -25.62 -2.29
N GLN B 457 -0.61 -24.83 -3.07
CA GLN B 457 -0.46 -23.38 -3.02
C GLN B 457 -1.20 -22.78 -1.82
N MET B 458 -2.42 -23.26 -1.55
CA MET B 458 -3.12 -22.76 -0.37
C MET B 458 -2.39 -23.14 0.90
N GLY B 459 -1.85 -24.36 0.96
CA GLY B 459 -1.04 -24.73 2.11
C GLY B 459 0.18 -23.86 2.25
N ILE B 460 0.84 -23.53 1.14
CA ILE B 460 2.00 -22.64 1.22
C ILE B 460 1.57 -21.27 1.72
N TYR B 461 0.42 -20.81 1.25
CA TYR B 461 -0.15 -19.50 1.65
C TYR B 461 -0.36 -19.51 3.16
N ALA B 462 -0.97 -20.56 3.72
CA ALA B 462 -1.19 -20.66 5.16
C ALA B 462 0.12 -20.70 5.92
N VAL B 463 1.11 -21.41 5.37
CA VAL B 463 2.42 -21.46 6.01
C VAL B 463 3.00 -20.06 6.10
N MET B 464 2.82 -19.26 5.03
CA MET B 464 3.36 -17.88 4.96
C MET B 464 2.61 -16.99 5.96
N ILE B 465 1.33 -17.23 6.21
CA ILE B 465 0.58 -16.49 7.24
C ILE B 465 1.15 -16.82 8.62
N GLU B 466 1.29 -18.12 8.91
CA GLU B 466 1.80 -18.55 10.20
C GLU B 466 3.18 -17.95 10.46
N LYS B 467 4.09 -18.13 9.51
CA LYS B 467 5.47 -17.70 9.72
C LYS B 467 5.55 -16.20 9.92
N MET B 468 4.84 -15.44 9.07
CA MET B 468 4.86 -13.94 9.08
C MET B 468 4.22 -13.43 10.37
N ILE B 469 3.17 -14.07 10.88
CA ILE B 469 2.62 -13.75 12.19
C ILE B 469 3.71 -13.90 13.24
N LEU B 470 4.21 -15.13 13.39
CA LEU B 470 5.17 -15.42 14.45
C LEU B 470 6.43 -14.57 14.32
N ARG B 471 6.77 -14.14 13.12
CA ARG B 471 7.99 -13.35 12.92
C ARG B 471 7.74 -11.88 13.27
N ASP B 472 6.89 -11.20 12.48
CA ASP B 472 6.71 -9.72 12.61
C ASP B 472 5.45 -9.29 13.36
N LEU B 473 4.35 -10.06 13.34
CA LEU B 473 3.08 -9.59 13.97
C LEU B 473 3.44 -8.82 15.25
N CYS B 474 4.33 -9.36 16.08
CA CYS B 474 4.76 -8.70 17.36
C CYS B 474 5.81 -7.64 17.06
N ARG B 475 6.92 -7.98 16.41
CA ARG B 475 8.04 -7.03 16.12
C ARG B 475 7.49 -5.72 15.55
N PHE B 476 6.76 -5.76 14.44
CA PHE B 476 6.21 -4.55 13.79
C PHE B 476 5.41 -3.72 14.79
N MET B 477 4.58 -4.35 15.62
CA MET B 477 3.68 -3.64 16.56
C MET B 477 4.39 -3.35 17.89
N PHE B 478 5.69 -3.68 18.03
CA PHE B 478 6.47 -3.33 19.25
C PHE B 478 6.78 -1.84 19.16
N VAL B 479 6.77 -1.27 17.95
CA VAL B 479 7.10 0.17 17.72
C VAL B 479 5.80 0.93 17.40
N TYR B 480 4.74 0.27 16.93
CA TYR B 480 3.47 0.93 16.54
C TYR B 480 2.60 1.20 17.77
N LEU B 481 2.48 0.26 18.70
CA LEU B 481 1.74 0.42 19.94
C LEU B 481 2.31 1.53 20.80
N VAL B 482 3.65 1.61 20.90
CA VAL B 482 4.24 2.65 21.72
C VAL B 482 3.99 4.03 21.11
N PHE B 483 4.11 4.15 19.79
CA PHE B 483 3.79 5.42 19.16
C PHE B 483 2.35 5.83 19.45
N LEU B 484 1.42 4.89 19.25
CA LEU B 484 0.00 5.19 19.46
C LEU B 484 -0.24 5.63 20.88
N PHE B 485 0.29 4.88 21.85
CA PHE B 485 0.04 5.23 23.25
C PHE B 485 0.66 6.57 23.61
N GLY B 486 1.88 6.84 23.15
CA GLY B 486 2.50 8.11 23.48
C GLY B 486 1.70 9.29 22.95
N PHE B 487 1.33 9.23 21.67
CA PHE B 487 0.61 10.36 21.09
C PHE B 487 -0.81 10.44 21.66
N SER B 488 -1.41 9.31 22.00
CA SER B 488 -2.73 9.33 22.63
C SER B 488 -2.68 10.02 23.98
N THR B 489 -1.68 9.68 24.80
CA THR B 489 -1.55 10.34 26.10
C THR B 489 -1.30 11.83 25.91
N ALA B 490 -0.44 12.20 24.96
CA ALA B 490 -0.20 13.62 24.72
C ALA B 490 -1.49 14.34 24.37
N VAL B 491 -2.24 13.81 23.41
CA VAL B 491 -3.45 14.49 22.95
C VAL B 491 -4.46 14.60 24.08
N VAL B 492 -4.69 13.49 24.80
CA VAL B 492 -5.70 13.51 25.85
C VAL B 492 -5.30 14.46 26.96
N THR B 493 -4.00 14.57 27.24
CA THR B 493 -3.55 15.58 28.19
C THR B 493 -3.89 16.98 27.67
N LEU B 494 -3.70 17.22 26.38
CA LEU B 494 -3.98 18.54 25.83
C LEU B 494 -5.47 18.88 25.95
N ILE B 495 -6.34 17.93 25.63
CA ILE B 495 -7.79 18.18 25.62
C ILE B 495 -8.24 18.50 27.04
N GLU B 496 -8.68 19.73 27.27
CA GLU B 496 -9.02 20.17 28.61
C GLU B 496 -10.30 19.50 29.10
N ASP B 497 -11.31 19.43 28.25
CA ASP B 497 -12.61 18.84 28.65
C ASP B 497 -13.36 18.39 27.42
N GLY B 498 -14.30 17.48 27.58
CA GLY B 498 -15.20 17.06 26.52
C GLY B 498 -15.42 15.57 26.54
N LYS B 499 -16.04 15.07 25.48
CA LYS B 499 -16.31 13.64 25.37
C LYS B 499 -15.02 12.84 25.31
N TYR B 500 -14.04 13.33 24.55
CA TYR B 500 -12.81 12.60 24.30
C TYR B 500 -11.73 12.88 25.34
N ASN B 501 -12.11 13.27 26.54
CA ASN B 501 -11.16 13.51 27.63
C ASN B 501 -10.77 12.23 28.35
N SER B 502 -10.96 11.07 27.72
CA SER B 502 -10.57 9.79 28.29
C SER B 502 -9.55 9.12 27.37
N LEU B 503 -8.65 8.36 27.98
CA LEU B 503 -7.53 7.81 27.23
C LEU B 503 -8.01 6.82 26.17
N TYR B 504 -9.03 6.02 26.49
CA TYR B 504 -9.49 5.00 25.56
C TYR B 504 -10.11 5.61 24.32
N SER B 505 -10.95 6.63 24.48
CA SER B 505 -11.61 7.23 23.34
C SER B 505 -10.59 7.85 22.39
N THR B 506 -9.63 8.60 22.93
CA THR B 506 -8.63 9.21 22.07
C THR B 506 -7.69 8.17 21.49
N CYS B 507 -7.47 7.06 22.19
CA CYS B 507 -6.70 5.97 21.59
C CYS B 507 -7.40 5.44 20.35
N LEU B 508 -8.72 5.24 20.43
CA LEU B 508 -9.45 4.82 19.24
C LEU B 508 -9.37 5.87 18.15
N GLU B 509 -9.52 7.15 18.51
CA GLU B 509 -9.50 8.19 17.49
C GLU B 509 -8.16 8.24 16.77
N LEU B 510 -7.06 8.13 17.52
CA LEU B 510 -5.74 8.09 16.90
C LEU B 510 -5.57 6.83 16.06
N PHE B 511 -6.08 5.70 16.54
CA PHE B 511 -5.95 4.45 15.79
C PHE B 511 -6.66 4.55 14.44
N LYS B 512 -7.82 5.21 14.42
CA LYS B 512 -8.62 5.25 13.21
C LYS B 512 -7.84 5.71 11.99
N PHE B 513 -6.72 6.40 12.19
CA PHE B 513 -5.90 6.80 11.06
C PHE B 513 -5.34 5.58 10.33
N THR B 514 -4.96 4.54 11.08
CA THR B 514 -4.43 3.34 10.45
C THR B 514 -5.47 2.70 9.53
N ILE B 515 -6.76 2.87 9.84
CA ILE B 515 -7.82 2.33 8.98
C ILE B 515 -8.11 3.24 7.80
N GLY B 516 -7.34 4.30 7.61
CA GLY B 516 -7.67 5.27 6.57
C GLY B 516 -9.01 5.93 6.82
N MET B 517 -9.28 6.28 8.08
CA MET B 517 -10.56 6.88 8.46
C MET B 517 -10.35 8.03 9.44
N GLY B 518 -9.16 8.62 9.48
CA GLY B 518 -8.89 9.67 10.44
C GLY B 518 -9.77 10.89 10.23
N ASP B 519 -9.85 11.71 11.27
CA ASP B 519 -10.74 12.87 11.29
C ASP B 519 -10.00 14.20 11.23
N LEU B 520 -8.91 14.34 12.02
CA LEU B 520 -8.08 15.58 12.09
C LEU B 520 -8.84 16.70 12.81
N GLU B 521 -10.15 16.57 13.06
CA GLU B 521 -10.89 17.57 13.83
C GLU B 521 -11.88 16.92 14.77
N PHE B 522 -11.56 15.72 15.26
CA PHE B 522 -12.55 14.95 16.02
C PHE B 522 -12.97 15.64 17.29
N THR B 523 -12.23 16.65 17.75
CA THR B 523 -12.59 17.38 18.95
C THR B 523 -12.31 18.86 18.75
N GLU B 524 -12.99 19.68 19.54
CA GLU B 524 -12.81 21.12 19.51
C GLU B 524 -12.59 21.72 20.90
N ASN B 525 -12.86 20.97 21.96
CA ASN B 525 -12.77 21.49 23.33
C ASN B 525 -11.32 21.42 23.77
N TYR B 526 -10.57 22.47 23.51
CA TYR B 526 -9.18 22.56 23.96
C TYR B 526 -8.68 23.98 23.69
N ASP B 527 -7.40 24.19 23.96
CA ASP B 527 -6.73 25.45 23.70
C ASP B 527 -5.38 25.17 23.06
N PHE B 528 -4.85 26.18 22.37
CA PHE B 528 -3.60 26.01 21.62
C PHE B 528 -3.77 24.98 20.51
N LYS B 529 -4.74 25.20 19.62
CA LYS B 529 -5.00 24.22 18.58
C LYS B 529 -3.81 23.99 17.66
N ALA B 530 -2.87 24.94 17.61
CA ALA B 530 -1.65 24.70 16.84
C ALA B 530 -0.92 23.49 17.36
N VAL B 531 -0.81 23.35 18.68
CA VAL B 531 -0.15 22.19 19.27
C VAL B 531 -0.89 20.91 18.88
N PHE B 532 -2.21 20.94 18.96
CA PHE B 532 -3.00 19.74 18.64
C PHE B 532 -2.79 19.32 17.19
N ILE B 533 -2.83 20.28 16.27
CA ILE B 533 -2.63 19.95 14.86
C ILE B 533 -1.22 19.44 14.63
N ILE B 534 -0.23 20.07 15.26
CA ILE B 534 1.15 19.62 15.08
C ILE B 534 1.31 18.18 15.56
N LEU B 535 0.72 17.86 16.71
CA LEU B 535 0.81 16.50 17.23
C LEU B 535 0.13 15.51 16.29
N LEU B 536 -1.06 15.87 15.78
CA LEU B 536 -1.77 14.94 14.90
C LEU B 536 -0.97 14.68 13.63
N LEU B 537 -0.41 15.73 13.01
CA LEU B 537 0.40 15.51 11.81
C LEU B 537 1.67 14.73 12.13
N ALA B 538 2.31 15.01 13.26
CA ALA B 538 3.49 14.23 13.62
C ALA B 538 3.12 12.76 13.70
N TYR B 539 1.99 12.44 14.34
CA TYR B 539 1.55 11.05 14.40
C TYR B 539 1.30 10.50 13.01
N VAL B 540 0.67 11.27 12.13
CA VAL B 540 0.33 10.79 10.81
C VAL B 540 1.60 10.42 10.04
N ILE B 541 2.53 11.36 9.98
CA ILE B 541 3.82 11.14 9.26
C ILE B 541 4.51 9.94 9.89
N LEU B 542 4.70 9.90 11.21
CA LEU B 542 5.47 8.82 11.83
C LEU B 542 4.83 7.47 11.55
N THR B 543 3.52 7.36 11.69
CA THR B 543 2.87 6.07 11.46
C THR B 543 2.89 5.69 9.99
N TYR B 544 2.88 6.66 9.07
CA TYR B 544 2.91 6.28 7.66
C TYR B 544 4.29 5.79 7.23
N ILE B 545 5.36 6.44 7.69
CA ILE B 545 6.66 5.81 7.49
C ILE B 545 6.77 4.50 8.25
N LEU B 546 6.01 4.33 9.34
CA LEU B 546 6.03 3.06 10.12
C LEU B 546 5.35 1.95 9.31
N LEU B 547 4.29 2.26 8.56
CA LEU B 547 3.60 1.27 7.69
C LEU B 547 4.45 1.06 6.43
N LEU B 548 5.24 2.05 6.05
CA LEU B 548 6.21 1.94 4.93
C LEU B 548 7.31 0.97 5.34
N ASN B 549 7.81 1.07 6.57
CA ASN B 549 8.87 0.20 7.09
C ASN B 549 8.37 -1.22 7.24
N MET B 550 7.18 -1.38 7.80
CA MET B 550 6.57 -2.72 7.95
C MET B 550 6.49 -3.37 6.56
N LEU B 551 5.71 -2.79 5.65
CA LEU B 551 5.44 -3.37 4.34
C LEU B 551 6.72 -3.76 3.61
N ILE B 552 7.76 -2.92 3.72
CA ILE B 552 9.02 -3.18 2.97
C ILE B 552 9.94 -4.13 3.73
N ALA B 553 10.16 -3.90 5.03
CA ALA B 553 11.14 -4.68 5.78
C ALA B 553 10.71 -6.12 5.95
N LEU B 554 9.42 -6.42 5.81
CA LEU B 554 8.96 -7.83 5.87
C LEU B 554 9.07 -8.45 4.47
N MET B 555 9.86 -7.88 3.56
CA MET B 555 10.06 -8.46 2.25
C MET B 555 10.41 -9.95 2.32
N GLY B 556 10.85 -10.43 3.48
CA GLY B 556 11.08 -11.86 3.61
C GLY B 556 12.37 -12.25 2.92
N GLU B 557 12.28 -13.23 2.02
CA GLU B 557 13.44 -13.72 1.27
C GLU B 557 13.07 -13.88 -0.20
N THR B 558 12.42 -12.85 -0.73
CA THR B 558 11.92 -12.81 -2.10
C THR B 558 12.86 -13.40 -3.12
N VAL B 559 12.42 -14.47 -3.78
CA VAL B 559 13.14 -15.07 -4.90
C VAL B 559 14.36 -15.79 -4.35
N ASN B 560 15.32 -15.05 -3.78
CA ASN B 560 16.58 -15.62 -3.22
C ASN B 560 16.28 -16.92 -2.44
N LYS B 561 15.52 -16.90 -1.35
CA LYS B 561 15.30 -18.13 -0.60
C LYS B 561 13.91 -18.24 0.00
N ILE B 562 12.90 -17.68 -0.65
CA ILE B 562 11.51 -17.88 -0.23
C ILE B 562 10.76 -18.79 -1.18
N ALA B 563 11.26 -19.03 -2.38
CA ALA B 563 10.60 -19.92 -3.32
C ALA B 563 10.84 -21.39 -3.03
N GLN B 564 11.70 -21.70 -2.05
CA GLN B 564 11.96 -23.09 -1.69
C GLN B 564 11.71 -23.30 -0.21
N GLU B 565 11.94 -22.27 0.60
CA GLU B 565 11.79 -22.40 2.05
C GLU B 565 10.34 -22.70 2.42
N SER B 566 9.40 -21.96 1.85
CA SER B 566 7.99 -22.20 2.16
C SER B 566 7.57 -23.60 1.71
N LYS B 567 8.06 -24.00 0.53
CA LYS B 567 7.72 -25.33 -0.04
C LYS B 567 8.25 -26.42 0.89
N ASN B 568 9.46 -26.25 1.45
CA ASN B 568 10.03 -27.24 2.37
C ASN B 568 9.26 -27.29 3.68
N ILE B 569 8.92 -26.11 4.23
CA ILE B 569 8.15 -26.09 5.47
C ILE B 569 6.80 -26.79 5.27
N TRP B 570 6.13 -26.52 4.16
CA TRP B 570 4.83 -27.12 3.93
C TRP B 570 4.96 -28.63 3.77
N LYS B 571 6.01 -29.09 3.07
CA LYS B 571 6.22 -30.53 2.93
C LYS B 571 6.42 -31.17 4.29
N LEU B 572 7.22 -30.54 5.15
CA LEU B 572 7.41 -31.07 6.49
C LEU B 572 6.08 -31.18 7.22
N GLN B 573 5.25 -30.14 7.13
CA GLN B 573 3.97 -30.15 7.83
C GLN B 573 3.06 -31.24 7.28
N ARG B 574 3.08 -31.43 5.96
CA ARG B 574 2.30 -32.51 5.36
C ARG B 574 2.77 -33.87 5.85
N ALA B 575 4.09 -34.02 6.04
CA ALA B 575 4.60 -35.26 6.60
C ALA B 575 4.09 -35.47 8.02
N ILE B 576 4.06 -34.39 8.81
CA ILE B 576 3.48 -34.49 10.16
C ILE B 576 2.05 -35.00 10.08
N THR B 577 1.27 -34.40 9.17
CA THR B 577 -0.13 -34.81 9.02
C THR B 577 -0.22 -36.28 8.62
N ILE B 578 0.63 -36.70 7.68
CA ILE B 578 0.58 -38.08 7.20
C ILE B 578 0.86 -39.04 8.34
N LEU B 579 1.90 -38.77 9.12
CA LEU B 579 2.25 -39.67 10.21
C LEU B 579 1.14 -39.72 11.24
N ASP B 580 0.59 -38.56 11.60
CA ASP B 580 -0.46 -38.56 12.62
C ASP B 580 -1.69 -39.32 12.14
N THR B 581 -2.09 -39.12 10.88
CA THR B 581 -3.25 -39.82 10.36
C THR B 581 -2.99 -41.31 10.21
N GLU B 582 -1.75 -41.70 9.90
CA GLU B 582 -1.38 -43.11 9.87
C GLU B 582 -1.58 -43.73 11.25
N LYS B 583 -1.00 -43.11 12.27
CA LYS B 583 -1.01 -43.73 13.59
C LYS B 583 -2.40 -43.70 14.22
N SER B 584 -3.17 -42.64 13.97
CA SER B 584 -4.46 -42.48 14.63
C SER B 584 -5.41 -43.61 14.28
N LEU C 280 41.57 18.66 -24.27
CA LEU C 280 40.15 18.99 -24.40
C LEU C 280 39.88 19.71 -25.72
N SER C 281 40.71 19.45 -26.72
CA SER C 281 40.54 20.09 -28.01
C SER C 281 39.28 19.57 -28.70
N CYS C 282 38.51 20.50 -29.27
CA CYS C 282 37.32 20.15 -30.06
C CYS C 282 36.31 19.38 -29.21
N ILE C 283 35.99 19.91 -28.03
CA ILE C 283 35.04 19.29 -27.14
C ILE C 283 33.94 20.26 -26.74
N ASP C 284 34.31 21.49 -26.39
CA ASP C 284 33.37 22.45 -25.80
C ASP C 284 32.78 23.39 -26.85
N THR C 285 33.61 24.13 -27.58
CA THR C 285 33.12 25.13 -28.52
C THR C 285 34.08 25.23 -29.69
N CYS C 286 33.58 24.94 -30.89
CA CYS C 286 34.32 25.15 -32.13
C CYS C 286 33.53 25.94 -33.16
N GLU C 287 32.24 26.22 -32.92
CA GLU C 287 31.41 27.00 -33.82
C GLU C 287 31.02 26.17 -35.04
N LYS C 288 31.60 24.97 -35.17
CA LYS C 288 31.29 24.05 -36.25
C LYS C 288 30.68 22.76 -35.75
N ASN C 289 31.36 22.08 -34.82
CA ASN C 289 30.84 20.88 -34.20
C ASN C 289 31.70 20.52 -33.00
N SER C 290 31.08 20.26 -31.86
CA SER C 290 31.81 19.91 -30.66
C SER C 290 31.18 18.67 -30.05
N VAL C 291 32.00 17.88 -29.36
CA VAL C 291 31.51 16.62 -28.81
C VAL C 291 30.40 16.88 -27.80
N LEU C 292 30.60 17.83 -26.90
CA LEU C 292 29.57 18.14 -25.90
C LEU C 292 28.29 18.61 -26.58
N GLU C 293 28.41 19.57 -27.50
CA GLU C 293 27.23 20.12 -28.16
C GLU C 293 26.51 19.03 -28.95
N VAL C 294 27.26 18.18 -29.65
CA VAL C 294 26.65 17.13 -30.44
C VAL C 294 25.92 16.14 -29.55
N ILE C 295 26.57 15.71 -28.47
CA ILE C 295 25.99 14.69 -27.60
C ILE C 295 24.76 15.23 -26.87
N ALA C 296 24.79 16.51 -26.49
CA ALA C 296 23.75 17.08 -25.64
C ALA C 296 22.42 17.23 -26.37
N TYR C 297 22.43 17.99 -27.46
CA TYR C 297 21.17 18.34 -28.12
C TYR C 297 20.68 17.26 -29.05
N SER C 298 21.50 16.27 -29.38
CA SER C 298 21.11 15.26 -30.35
C SER C 298 19.89 14.50 -29.86
N SER C 299 19.03 14.13 -30.81
CA SER C 299 17.77 13.44 -30.50
C SER C 299 18.02 12.21 -29.64
N SER C 300 16.97 11.71 -29.00
CA SER C 300 17.09 10.52 -28.17
C SER C 300 17.07 9.23 -28.98
N GLU C 301 16.85 9.32 -30.30
CA GLU C 301 16.85 8.12 -31.12
C GLU C 301 18.18 7.38 -31.04
N THR C 302 19.27 8.11 -30.77
CA THR C 302 20.56 7.46 -30.64
C THR C 302 20.52 6.46 -29.48
N PRO C 303 21.29 5.38 -29.56
CA PRO C 303 21.07 4.24 -28.65
C PRO C 303 21.43 4.49 -27.20
N ASN C 304 22.62 5.02 -26.94
CA ASN C 304 23.22 4.98 -25.61
C ASN C 304 23.77 6.34 -25.20
N ARG C 305 22.93 7.37 -25.30
CA ARG C 305 23.32 8.74 -24.88
C ARG C 305 23.69 8.70 -23.40
N HIS C 306 23.07 7.82 -22.61
CA HIS C 306 23.27 7.83 -21.16
C HIS C 306 24.67 7.38 -20.79
N ASP C 307 25.12 6.25 -21.35
CA ASP C 307 26.36 5.62 -20.95
C ASP C 307 27.58 6.27 -21.57
N MET C 308 27.38 7.20 -22.49
CA MET C 308 28.48 7.68 -23.31
C MET C 308 29.24 8.81 -22.63
N LEU C 309 28.57 9.60 -21.78
CA LEU C 309 29.28 10.56 -20.95
C LEU C 309 30.01 9.91 -19.78
N LEU C 310 29.78 8.63 -19.51
CA LEU C 310 30.48 7.97 -18.41
C LEU C 310 31.99 8.07 -18.57
N VAL C 311 32.48 8.13 -19.81
CA VAL C 311 33.92 8.17 -20.04
C VAL C 311 34.51 9.38 -19.32
N GLU C 312 35.75 9.17 -18.87
CA GLU C 312 36.46 10.10 -17.96
C GLU C 312 36.52 11.57 -18.37
N PRO C 313 37.22 11.97 -19.45
CA PRO C 313 37.47 13.41 -19.68
C PRO C 313 36.22 14.26 -19.74
N LEU C 314 35.20 13.82 -20.47
CA LEU C 314 33.98 14.61 -20.57
C LEU C 314 33.36 14.85 -19.21
N ASN C 315 33.15 13.78 -18.45
CA ASN C 315 32.46 13.85 -17.13
C ASN C 315 33.29 14.67 -16.13
N ARG C 316 34.63 14.59 -16.20
CA ARG C 316 35.51 15.27 -15.20
C ARG C 316 35.63 16.75 -15.55
N LEU C 317 35.56 17.14 -16.83
CA LEU C 317 35.58 18.55 -17.19
C LEU C 317 34.22 19.18 -16.97
N LEU C 318 33.15 18.44 -17.23
CA LEU C 318 31.81 18.95 -16.97
C LEU C 318 31.64 19.27 -15.49
N GLN C 319 32.03 18.33 -14.63
CA GLN C 319 31.92 18.57 -13.19
C GLN C 319 32.77 19.75 -12.76
N ASP C 320 33.98 19.86 -13.33
CA ASP C 320 34.86 20.96 -12.95
C ASP C 320 34.21 22.31 -13.28
N LYS C 321 33.76 22.48 -14.53
CA LYS C 321 33.17 23.77 -14.89
C LYS C 321 31.89 24.03 -14.11
N TRP C 322 31.07 23.00 -13.89
CA TRP C 322 29.88 23.16 -13.07
C TRP C 322 30.25 23.72 -11.71
N ASP C 323 31.02 22.96 -10.94
CA ASP C 323 31.40 23.39 -9.60
C ASP C 323 32.16 24.70 -9.59
N ARG C 324 32.75 25.10 -10.72
CA ARG C 324 33.49 26.35 -10.73
C ARG C 324 32.56 27.55 -10.83
N PHE C 325 31.66 27.57 -11.83
CA PHE C 325 30.77 28.73 -11.95
C PHE C 325 29.30 28.41 -12.21
N VAL C 326 28.97 27.26 -12.78
CA VAL C 326 27.59 27.03 -13.16
C VAL C 326 26.75 26.74 -11.94
N LYS C 327 27.34 26.20 -10.87
CA LYS C 327 26.59 26.02 -9.64
C LYS C 327 26.03 27.34 -9.16
N ARG C 328 26.88 28.38 -9.11
CA ARG C 328 26.41 29.68 -8.67
C ARG C 328 25.40 30.27 -9.64
N ILE C 329 25.65 30.16 -10.94
CA ILE C 329 24.70 30.70 -11.90
C ILE C 329 23.33 30.06 -11.72
N PHE C 330 23.30 28.73 -11.61
CA PHE C 330 22.06 28.00 -11.48
C PHE C 330 21.35 28.33 -10.18
N TYR C 331 22.11 28.48 -9.10
CA TYR C 331 21.48 28.84 -7.83
C TYR C 331 20.84 30.23 -7.90
N PHE C 332 21.52 31.18 -8.55
CA PHE C 332 20.91 32.49 -8.72
C PHE C 332 19.62 32.40 -9.53
N ASN C 333 19.65 31.63 -10.62
CA ASN C 333 18.44 31.47 -11.43
C ASN C 333 17.31 30.85 -10.62
N PHE C 334 17.64 29.83 -9.83
CA PHE C 334 16.64 29.17 -9.01
C PHE C 334 16.02 30.15 -8.03
N PHE C 335 16.85 30.97 -7.39
CA PHE C 335 16.32 31.95 -6.44
C PHE C 335 15.41 32.96 -7.14
N VAL C 336 15.80 33.41 -8.33
CA VAL C 336 14.97 34.38 -9.05
C VAL C 336 13.63 33.75 -9.40
N TYR C 337 13.63 32.49 -9.85
CA TYR C 337 12.38 31.85 -10.19
C TYR C 337 11.50 31.66 -8.96
N CYS C 338 12.09 31.28 -7.84
CA CYS C 338 11.29 31.16 -6.61
C CYS C 338 10.65 32.49 -6.25
N LEU C 339 11.41 33.57 -6.34
CA LEU C 339 10.85 34.89 -6.06
C LEU C 339 9.72 35.21 -7.02
N TYR C 340 9.90 34.90 -8.29
CA TYR C 340 8.85 35.14 -9.28
C TYR C 340 7.58 34.39 -8.92
N MET C 341 7.72 33.12 -8.53
CA MET C 341 6.53 32.33 -8.21
C MET C 341 5.85 32.86 -6.96
N ILE C 342 6.62 33.28 -5.95
CA ILE C 342 6.00 33.87 -4.77
C ILE C 342 5.23 35.13 -5.15
N ILE C 343 5.82 35.97 -5.99
CA ILE C 343 5.13 37.19 -6.40
C ILE C 343 3.85 36.84 -7.14
N PHE C 344 3.91 35.85 -8.01
CA PHE C 344 2.74 35.45 -8.77
C PHE C 344 1.63 34.95 -7.85
N THR C 345 1.99 34.11 -6.87
CA THR C 345 1.00 33.61 -5.93
C THR C 345 0.37 34.74 -5.13
N ALA C 346 1.20 35.69 -4.67
CA ALA C 346 0.66 36.80 -3.90
C ALA C 346 -0.29 37.64 -4.74
N ALA C 347 0.06 37.88 -6.01
CA ALA C 347 -0.82 38.66 -6.87
C ALA C 347 -2.13 37.91 -7.13
N ALA C 348 -2.06 36.60 -7.34
CA ALA C 348 -3.26 35.85 -7.67
C ALA C 348 -4.19 35.71 -6.48
N TYR C 349 -3.64 35.41 -5.30
CA TYR C 349 -4.47 35.08 -4.15
C TYR C 349 -5.39 36.25 -3.79
N TYR C 350 -4.88 37.47 -3.84
CA TYR C 350 -5.64 38.65 -3.42
C TYR C 350 -6.42 39.28 -4.57
N ARG C 351 -6.80 38.50 -5.56
CA ARG C 351 -7.54 39.03 -6.69
C ARG C 351 -8.83 39.69 -6.20
N PRO C 352 -9.14 40.91 -6.62
CA PRO C 352 -10.42 41.51 -6.20
C PRO C 352 -11.59 40.67 -6.69
N PRO C 357 -14.02 42.31 -15.57
CA PRO C 357 -12.67 42.86 -15.74
C PRO C 357 -12.61 43.74 -16.96
N PRO C 358 -11.61 44.64 -17.06
CA PRO C 358 -10.54 44.85 -16.07
C PRO C 358 -11.03 45.59 -14.83
N TYR C 359 -10.25 45.50 -13.75
CA TYR C 359 -10.63 46.06 -12.48
C TYR C 359 -10.10 47.48 -12.32
N LYS C 360 -10.48 48.11 -11.21
CA LYS C 360 -10.12 49.48 -10.90
C LYS C 360 -9.19 49.53 -9.70
N LEU C 361 -8.34 50.54 -9.66
CA LEU C 361 -7.36 50.72 -8.60
C LEU C 361 -7.77 51.89 -7.72
N LYS C 362 -7.79 51.67 -6.41
CA LYS C 362 -8.18 52.68 -5.44
C LYS C 362 -6.95 53.18 -4.70
N ASN C 363 -7.16 54.17 -3.84
CA ASN C 363 -6.08 54.84 -3.11
C ASN C 363 -5.70 53.98 -1.91
N THR C 364 -4.80 53.03 -2.14
CA THR C 364 -4.25 52.21 -1.06
C THR C 364 -3.04 51.44 -1.59
N VAL C 365 -1.95 51.43 -0.81
CA VAL C 365 -0.72 50.79 -1.27
C VAL C 365 -0.96 49.35 -1.67
N GLY C 366 -1.99 48.70 -1.11
CA GLY C 366 -2.28 47.33 -1.47
C GLY C 366 -2.58 47.18 -2.95
N ASP C 367 -3.37 48.11 -3.51
CA ASP C 367 -3.69 48.04 -4.93
C ASP C 367 -2.44 48.20 -5.78
N TYR C 368 -1.55 49.12 -5.39
CA TYR C 368 -0.32 49.31 -6.15
C TYR C 368 0.54 48.05 -6.09
N PHE C 369 0.64 47.43 -4.92
CA PHE C 369 1.37 46.18 -4.80
C PHE C 369 0.75 45.12 -5.72
N ARG C 370 -0.58 45.02 -5.71
CA ARG C 370 -1.22 43.99 -6.51
C ARG C 370 -0.96 44.20 -8.00
N VAL C 371 -1.07 45.44 -8.47
CA VAL C 371 -0.86 45.70 -9.88
C VAL C 371 0.60 45.45 -10.26
N THR C 372 1.53 45.85 -9.39
CA THR C 372 2.94 45.58 -9.68
C THR C 372 3.21 44.08 -9.76
N GLY C 373 2.64 43.31 -8.84
CA GLY C 373 2.81 41.87 -8.89
C GLY C 373 2.22 41.28 -10.16
N GLU C 374 1.05 41.77 -10.57
CA GLU C 374 0.46 41.30 -11.82
C GLU C 374 1.36 41.61 -13.01
N ILE C 375 1.92 42.82 -13.04
CA ILE C 375 2.78 43.22 -14.14
C ILE C 375 4.01 42.32 -14.20
N LEU C 376 4.64 42.08 -13.05
CA LEU C 376 5.80 41.21 -13.02
C LEU C 376 5.44 39.80 -13.47
N SER C 377 4.31 39.28 -13.01
CA SER C 377 3.91 37.93 -13.38
C SER C 377 3.71 37.82 -14.88
N VAL C 378 3.01 38.79 -15.48
CA VAL C 378 2.75 38.72 -16.91
C VAL C 378 4.04 38.90 -17.69
N SER C 379 4.94 39.74 -17.21
CA SER C 379 6.23 39.91 -17.87
C SER C 379 7.01 38.60 -17.86
N GLY C 380 7.03 37.92 -16.71
CA GLY C 380 7.69 36.63 -16.65
C GLY C 380 7.06 35.61 -17.59
N GLY C 381 5.74 35.61 -17.67
CA GLY C 381 5.07 34.72 -18.60
C GLY C 381 5.47 34.99 -20.03
N VAL C 382 5.54 36.26 -20.40
CA VAL C 382 5.95 36.62 -21.76
C VAL C 382 7.38 36.16 -22.01
N TYR C 383 8.26 36.35 -21.02
CA TYR C 383 9.64 35.89 -21.18
C TYR C 383 9.70 34.38 -21.39
N PHE C 384 8.90 33.62 -20.63
CA PHE C 384 8.88 32.18 -20.81
C PHE C 384 8.39 31.81 -22.20
N PHE C 385 7.36 32.51 -22.68
CA PHE C 385 6.83 32.21 -24.01
C PHE C 385 7.89 32.46 -25.08
N PHE C 386 8.60 33.58 -24.97
CA PHE C 386 9.65 33.89 -25.92
C PHE C 386 10.77 32.85 -25.84
N ARG C 387 11.14 32.44 -24.64
CA ARG C 387 12.18 31.43 -24.49
C ARG C 387 11.76 30.11 -25.14
N GLY C 388 10.50 29.72 -24.96
CA GLY C 388 10.03 28.49 -25.57
C GLY C 388 10.08 28.54 -27.08
N ILE C 389 9.58 29.64 -27.66
CA ILE C 389 9.64 29.77 -29.11
C ILE C 389 11.08 29.75 -29.59
N GLN C 390 11.97 30.47 -28.90
CA GLN C 390 13.36 30.50 -29.29
C GLN C 390 13.96 29.10 -29.28
N TYR C 391 13.70 28.35 -28.22
CA TYR C 391 14.26 27.00 -28.14
C TYR C 391 13.75 26.14 -29.28
N PHE C 392 12.43 26.15 -29.52
CA PHE C 392 11.87 25.28 -30.54
C PHE C 392 12.42 25.63 -31.92
N LEU C 393 12.52 26.92 -32.22
CA LEU C 393 13.06 27.33 -33.52
C LEU C 393 14.53 26.94 -33.64
N GLN C 394 15.30 27.15 -32.58
CA GLN C 394 16.74 26.90 -32.65
C GLN C 394 17.08 25.41 -32.68
N ARG C 395 16.20 24.55 -32.17
CA ARG C 395 16.46 23.12 -32.11
C ARG C 395 15.57 22.29 -33.03
N ARG C 396 14.38 22.77 -33.34
CA ARG C 396 13.52 22.10 -34.33
C ARG C 396 13.33 20.62 -34.02
N PRO C 397 12.52 20.27 -33.01
CA PRO C 397 12.33 18.86 -32.68
C PRO C 397 11.75 18.05 -33.83
N SER C 398 11.57 16.75 -33.62
CA SER C 398 11.23 15.81 -34.68
C SER C 398 9.75 15.47 -34.73
N LEU C 399 8.91 16.17 -33.98
CA LEU C 399 7.47 15.94 -34.01
C LEU C 399 7.09 14.59 -33.40
N LYS C 400 8.08 13.82 -32.98
CA LYS C 400 7.85 12.54 -32.32
C LYS C 400 8.62 12.50 -31.01
N SER C 401 9.74 13.22 -30.97
CA SER C 401 10.52 13.41 -29.75
C SER C 401 10.13 14.69 -29.01
N LEU C 402 8.90 15.14 -29.17
CA LEU C 402 8.44 16.33 -28.46
C LEU C 402 8.02 16.02 -27.03
N PHE C 403 7.95 14.75 -26.66
CA PHE C 403 7.65 14.35 -25.29
C PHE C 403 8.68 13.39 -24.73
N VAL C 404 9.27 12.52 -25.55
CA VAL C 404 10.30 11.60 -25.06
C VAL C 404 11.45 12.39 -24.47
N ASP C 405 11.73 13.57 -25.02
CA ASP C 405 12.71 14.48 -24.46
C ASP C 405 12.22 15.90 -24.69
N SER C 406 12.77 16.86 -23.93
CA SER C 406 12.30 18.28 -23.95
C SER C 406 10.98 18.19 -23.18
N TYR C 407 10.92 17.34 -22.15
CA TYR C 407 9.78 17.26 -21.21
C TYR C 407 9.62 18.60 -20.48
N SER C 408 10.66 19.10 -19.81
CA SER C 408 10.56 20.31 -18.97
C SER C 408 10.24 21.59 -19.77
N GLU C 409 10.78 21.78 -20.97
CA GLU C 409 10.64 23.04 -21.70
C GLU C 409 9.26 23.18 -22.31
N ILE C 410 8.67 22.07 -22.78
CA ILE C 410 7.30 22.15 -23.28
C ILE C 410 6.32 22.43 -22.13
N LEU C 411 6.60 21.90 -20.95
CA LEU C 411 5.77 22.23 -19.78
C LEU C 411 5.84 23.73 -19.48
N PHE C 412 7.05 24.29 -19.49
CA PHE C 412 7.19 25.72 -19.24
C PHE C 412 6.48 26.52 -20.33
N PHE C 413 6.58 26.08 -21.57
CA PHE C 413 5.91 26.77 -22.67
C PHE C 413 4.40 26.76 -22.49
N VAL C 414 3.83 25.62 -22.10
CA VAL C 414 2.39 25.56 -21.93
C VAL C 414 1.95 26.40 -20.74
N GLN C 415 2.78 26.47 -19.70
CA GLN C 415 2.49 27.40 -18.60
C GLN C 415 2.40 28.83 -19.11
N SER C 416 3.39 29.25 -19.90
CA SER C 416 3.35 30.60 -20.45
C SER C 416 2.12 30.79 -21.33
N LEU C 417 1.75 29.75 -22.08
CA LEU C 417 0.57 29.84 -22.93
C LEU C 417 -0.69 30.05 -22.10
N PHE C 418 -0.80 29.34 -20.97
CA PHE C 418 -1.92 29.55 -20.08
C PHE C 418 -1.93 30.98 -19.55
N MET C 419 -0.77 31.51 -19.17
CA MET C 419 -0.73 32.87 -18.64
C MET C 419 -1.17 33.89 -19.70
N LEU C 420 -0.68 33.75 -20.93
CA LEU C 420 -1.06 34.68 -21.99
C LEU C 420 -2.55 34.58 -22.31
N VAL C 421 -3.08 33.35 -22.37
CA VAL C 421 -4.51 33.19 -22.58
C VAL C 421 -5.29 33.82 -21.44
N SER C 422 -4.76 33.72 -20.22
CA SER C 422 -5.41 34.33 -19.07
C SER C 422 -5.53 35.83 -19.24
N VAL C 423 -4.42 36.49 -19.62
CA VAL C 423 -4.46 37.94 -19.77
C VAL C 423 -5.40 38.32 -20.91
N VAL C 424 -5.35 37.58 -22.02
CA VAL C 424 -6.23 37.88 -23.15
C VAL C 424 -7.69 37.81 -22.72
N LEU C 425 -8.08 36.73 -22.04
CA LEU C 425 -9.46 36.62 -21.58
C LEU C 425 -9.79 37.74 -20.60
N TYR C 426 -8.84 38.07 -19.72
CA TYR C 426 -9.06 39.11 -18.73
C TYR C 426 -9.45 40.42 -19.40
N PHE C 427 -8.67 40.84 -20.40
CA PHE C 427 -8.95 42.14 -21.01
C PHE C 427 -10.20 42.14 -21.89
N SER C 428 -10.78 40.97 -22.13
CA SER C 428 -11.96 40.81 -23.02
C SER C 428 -13.27 40.82 -22.22
N GLN C 429 -13.28 41.42 -21.01
CA GLN C 429 -14.49 41.47 -20.19
C GLN C 429 -15.11 40.09 -20.01
N ARG C 430 -14.28 39.13 -19.66
CA ARG C 430 -14.67 37.74 -19.48
C ARG C 430 -14.44 37.33 -18.02
N LYS C 431 -14.62 36.04 -17.74
CA LYS C 431 -14.39 35.50 -16.41
C LYS C 431 -13.54 34.23 -16.41
N GLU C 432 -13.17 33.73 -17.59
CA GLU C 432 -12.38 32.48 -17.72
C GLU C 432 -10.91 32.79 -17.45
N TYR C 433 -10.54 34.04 -17.11
CA TYR C 433 -9.17 34.34 -16.75
C TYR C 433 -8.81 33.73 -15.41
N VAL C 434 -9.78 33.55 -14.51
CA VAL C 434 -9.49 32.88 -13.25
C VAL C 434 -9.05 31.44 -13.52
N ALA C 435 -9.78 30.74 -14.38
CA ALA C 435 -9.43 29.35 -14.69
C ALA C 435 -8.05 29.29 -15.33
N SER C 436 -7.80 30.15 -16.31
CA SER C 436 -6.52 30.12 -17.00
C SER C 436 -5.38 30.40 -16.03
N MET C 437 -5.54 31.40 -15.16
CA MET C 437 -4.47 31.76 -14.25
C MET C 437 -4.23 30.67 -13.22
N VAL C 438 -5.29 30.03 -12.71
CA VAL C 438 -5.06 28.97 -11.74
C VAL C 438 -4.35 27.79 -12.40
N PHE C 439 -4.71 27.48 -13.64
CA PHE C 439 -3.99 26.41 -14.33
C PHE C 439 -2.51 26.74 -14.47
N SER C 440 -2.20 27.98 -14.88
CA SER C 440 -0.80 28.37 -15.02
C SER C 440 -0.07 28.32 -13.68
N LEU C 441 -0.74 28.77 -12.62
CA LEU C 441 -0.10 28.84 -11.31
C LEU C 441 0.22 27.44 -10.79
N ALA C 442 -0.75 26.52 -10.88
CA ALA C 442 -0.49 25.14 -10.48
C ALA C 442 0.63 24.54 -11.32
N MET C 443 0.61 24.81 -12.63
CA MET C 443 1.64 24.24 -13.49
C MET C 443 3.02 24.75 -13.09
N GLY C 444 3.14 26.04 -12.75
CA GLY C 444 4.43 26.56 -12.35
C GLY C 444 4.92 25.97 -11.04
N TRP C 445 4.03 25.90 -10.06
CA TRP C 445 4.42 25.32 -8.77
C TRP C 445 4.90 23.89 -8.97
N THR C 446 4.23 23.13 -9.83
CA THR C 446 4.71 21.78 -10.15
C THR C 446 6.05 21.84 -10.88
N ASN C 447 6.19 22.75 -11.84
CA ASN C 447 7.37 22.79 -12.68
C ASN C 447 8.63 23.12 -11.89
N MET C 448 8.48 23.68 -10.69
CA MET C 448 9.64 23.84 -9.81
C MET C 448 10.52 22.58 -9.79
N LEU C 449 9.91 21.43 -10.04
CA LEU C 449 10.66 20.18 -10.07
C LEU C 449 11.76 20.21 -11.12
N TYR C 450 11.67 21.09 -12.12
CA TYR C 450 12.79 21.22 -13.05
C TYR C 450 14.02 21.76 -12.34
N TYR C 451 13.86 22.84 -11.57
CA TYR C 451 14.97 23.33 -10.77
C TYR C 451 15.37 22.32 -9.71
N THR C 452 14.52 21.34 -9.39
CA THR C 452 14.90 20.26 -8.43
C THR C 452 16.18 19.61 -8.97
N ARG C 453 16.44 19.61 -10.29
CA ARG C 453 17.70 19.10 -10.78
C ARG C 453 18.84 20.01 -10.31
N GLY C 454 20.05 19.49 -10.38
CA GLY C 454 21.20 20.17 -9.83
C GLY C 454 21.63 19.64 -8.47
N PHE C 455 20.82 18.78 -7.86
CA PHE C 455 21.19 18.07 -6.64
C PHE C 455 21.02 16.58 -6.90
N GLN C 456 21.99 15.78 -6.46
CA GLN C 456 22.06 14.40 -6.90
C GLN C 456 20.79 13.64 -6.58
N GLN C 457 20.47 13.47 -5.30
CA GLN C 457 19.40 12.58 -4.91
C GLN C 457 18.04 13.11 -5.37
N MET C 458 17.78 14.40 -5.14
CA MET C 458 16.51 14.97 -5.56
C MET C 458 16.39 14.93 -7.08
N GLY C 459 17.49 15.20 -7.79
CA GLY C 459 17.43 15.18 -9.24
C GLY C 459 17.11 13.80 -9.78
N ILE C 460 17.74 12.77 -9.23
CA ILE C 460 17.45 11.42 -9.70
C ILE C 460 16.02 11.02 -9.35
N TYR C 461 15.52 11.47 -8.20
CA TYR C 461 14.13 11.18 -7.85
C TYR C 461 13.17 11.83 -8.84
N ALA C 462 13.43 13.08 -9.21
CA ALA C 462 12.60 13.75 -10.21
C ALA C 462 12.68 13.04 -11.55
N VAL C 463 13.87 12.53 -11.91
CA VAL C 463 13.99 11.73 -13.12
C VAL C 463 13.08 10.52 -13.06
N MET C 464 13.06 9.83 -11.92
CA MET C 464 12.18 8.68 -11.79
C MET C 464 10.73 9.09 -12.02
N ILE C 465 10.30 10.18 -11.38
CA ILE C 465 8.91 10.62 -11.52
C ILE C 465 8.59 10.89 -12.98
N GLU C 466 9.43 11.72 -13.61
CA GLU C 466 9.25 12.15 -15.02
C GLU C 466 9.20 10.93 -15.95
N LYS C 467 10.10 9.97 -15.76
CA LYS C 467 10.14 8.76 -16.58
C LYS C 467 8.85 7.97 -16.44
N MET C 468 8.37 7.82 -15.21
CA MET C 468 7.14 7.06 -15.02
C MET C 468 5.98 7.77 -15.70
N ILE C 469 5.78 9.05 -15.40
CA ILE C 469 4.70 9.82 -16.03
C ILE C 469 4.76 9.73 -17.54
N LEU C 470 5.96 9.63 -18.10
CA LEU C 470 6.11 9.64 -19.54
C LEU C 470 5.77 8.29 -20.15
N ARG C 471 6.39 7.21 -19.66
CA ARG C 471 6.38 5.94 -20.36
C ARG C 471 5.56 4.86 -19.67
N ASP C 472 4.78 5.18 -18.63
CA ASP C 472 3.89 4.19 -18.03
C ASP C 472 2.48 4.69 -17.79
N LEU C 473 2.27 6.01 -17.67
CA LEU C 473 0.96 6.51 -17.24
C LEU C 473 -0.12 6.21 -18.27
N CYS C 474 0.17 6.40 -19.56
CA CYS C 474 -0.85 6.18 -20.57
C CYS C 474 -1.34 4.74 -20.55
N ARG C 475 -0.41 3.79 -20.58
CA ARG C 475 -0.79 2.38 -20.59
C ARG C 475 -1.49 1.98 -19.30
N PHE C 476 -0.99 2.44 -18.16
CA PHE C 476 -1.61 2.08 -16.89
C PHE C 476 -2.90 2.84 -16.60
N MET C 477 -3.23 3.85 -17.40
CA MET C 477 -4.43 4.64 -17.19
C MET C 477 -5.53 4.32 -18.19
N PHE C 478 -5.19 3.90 -19.41
CA PHE C 478 -6.23 3.57 -20.38
C PHE C 478 -7.10 2.42 -19.87
N VAL C 479 -6.47 1.37 -19.36
CA VAL C 479 -7.22 0.21 -18.87
C VAL C 479 -8.11 0.60 -17.71
N TYR C 480 -7.57 1.38 -16.77
CA TYR C 480 -8.36 1.81 -15.63
C TYR C 480 -9.55 2.64 -16.08
N LEU C 481 -9.33 3.55 -17.03
CA LEU C 481 -10.44 4.36 -17.53
C LEU C 481 -11.49 3.50 -18.18
N VAL C 482 -11.08 2.48 -18.96
CA VAL C 482 -12.05 1.61 -19.60
C VAL C 482 -12.90 0.90 -18.55
N PHE C 483 -12.26 0.34 -17.53
CA PHE C 483 -13.01 -0.36 -16.48
C PHE C 483 -13.98 0.60 -15.79
N LEU C 484 -13.49 1.77 -15.40
CA LEU C 484 -14.32 2.71 -14.66
C LEU C 484 -15.51 3.14 -15.49
N PHE C 485 -15.27 3.49 -16.77
CA PHE C 485 -16.37 3.92 -17.62
C PHE C 485 -17.37 2.81 -17.84
N GLY C 486 -16.90 1.58 -18.04
CA GLY C 486 -17.83 0.48 -18.25
C GLY C 486 -18.73 0.26 -17.05
N PHE C 487 -18.15 0.22 -15.85
CA PHE C 487 -18.96 -0.02 -14.67
C PHE C 487 -19.87 1.17 -14.36
N SER C 488 -19.40 2.39 -14.62
CA SER C 488 -20.28 3.55 -14.44
C SER C 488 -21.47 3.47 -15.36
N THR C 489 -21.25 3.11 -16.63
CA THR C 489 -22.37 2.99 -17.56
C THR C 489 -23.32 1.89 -17.13
N ALA C 490 -22.79 0.76 -16.67
CA ALA C 490 -23.65 -0.32 -16.20
C ALA C 490 -24.55 0.15 -15.06
N VAL C 491 -23.95 0.76 -14.03
CA VAL C 491 -24.75 1.19 -12.89
C VAL C 491 -25.75 2.25 -13.31
N VAL C 492 -25.33 3.19 -14.18
CA VAL C 492 -26.22 4.25 -14.62
C VAL C 492 -27.42 3.66 -15.35
N THR C 493 -27.18 2.67 -16.21
CA THR C 493 -28.29 2.00 -16.89
C THR C 493 -29.21 1.36 -15.87
N LEU C 494 -28.65 0.73 -14.84
CA LEU C 494 -29.48 0.09 -13.84
C LEU C 494 -30.24 1.12 -13.00
N ILE C 495 -29.62 2.26 -12.69
CA ILE C 495 -30.28 3.27 -11.87
C ILE C 495 -31.37 3.95 -12.68
N GLU C 496 -32.58 3.96 -12.12
CA GLU C 496 -33.78 4.51 -12.82
C GLU C 496 -33.72 6.03 -12.80
N ASP C 497 -33.75 6.65 -11.61
CA ASP C 497 -33.80 8.11 -11.50
C ASP C 497 -33.05 8.54 -10.26
N GLY C 498 -32.94 9.83 -10.05
CA GLY C 498 -32.38 10.42 -8.85
C GLY C 498 -31.29 11.40 -9.20
N LYS C 499 -30.53 11.82 -8.19
CA LYS C 499 -29.41 12.72 -8.41
C LYS C 499 -28.20 11.99 -8.97
N TYR C 500 -28.17 10.67 -8.92
CA TYR C 500 -27.08 9.88 -9.48
C TYR C 500 -27.41 9.34 -10.86
N ASN C 501 -28.54 9.74 -11.44
CA ASN C 501 -28.91 9.25 -12.76
C ASN C 501 -27.90 9.67 -13.82
N SER C 502 -27.42 10.91 -13.74
CA SER C 502 -26.45 11.39 -14.72
C SER C 502 -25.17 10.55 -14.65
N LEU C 503 -24.56 10.32 -15.81
CA LEU C 503 -23.36 9.50 -15.86
C LEU C 503 -22.23 10.15 -15.07
N TYR C 504 -22.19 11.48 -15.02
CA TYR C 504 -21.08 12.15 -14.33
C TYR C 504 -21.05 11.77 -12.86
N SER C 505 -22.19 11.81 -12.18
CA SER C 505 -22.21 11.54 -10.75
C SER C 505 -21.84 10.09 -10.46
N THR C 506 -22.39 9.15 -11.23
CA THR C 506 -22.05 7.75 -11.02
C THR C 506 -20.57 7.49 -11.25
N CYS C 507 -20.01 8.08 -12.31
CA CYS C 507 -18.59 7.93 -12.56
C CYS C 507 -17.78 8.52 -11.42
N LEU C 508 -18.23 9.65 -10.88
CA LEU C 508 -17.52 10.27 -9.77
C LEU C 508 -17.52 9.36 -8.55
N GLU C 509 -18.66 8.73 -8.25
CA GLU C 509 -18.71 7.84 -7.09
C GLU C 509 -17.83 6.60 -7.31
N LEU C 510 -17.91 6.01 -8.51
CA LEU C 510 -17.07 4.86 -8.80
C LEU C 510 -15.60 5.22 -8.72
N PHE C 511 -15.25 6.48 -9.00
CA PHE C 511 -13.87 6.91 -8.80
C PHE C 511 -13.56 7.10 -7.33
N LYS C 512 -14.49 7.69 -6.58
CA LYS C 512 -14.28 7.87 -5.15
C LYS C 512 -14.05 6.56 -4.45
N PHE C 513 -14.50 5.45 -5.06
CA PHE C 513 -14.07 4.15 -4.57
C PHE C 513 -12.55 3.98 -4.63
N THR C 514 -11.86 4.75 -5.46
CA THR C 514 -10.43 4.58 -5.65
C THR C 514 -9.58 5.40 -4.68
N ILE C 515 -10.16 6.38 -4.00
CA ILE C 515 -9.41 7.20 -3.06
C ILE C 515 -9.79 6.77 -1.64
N GLY C 516 -10.17 5.51 -1.49
CA GLY C 516 -10.53 5.01 -0.17
C GLY C 516 -11.69 5.74 0.45
N MET C 517 -12.69 6.09 -0.35
CA MET C 517 -13.86 6.81 0.14
C MET C 517 -15.14 6.29 -0.50
N GLY C 518 -15.16 5.02 -0.89
CA GLY C 518 -16.36 4.44 -1.44
C GLY C 518 -17.44 4.28 -0.40
N ASP C 519 -18.68 4.26 -0.86
CA ASP C 519 -19.85 4.24 0.02
C ASP C 519 -20.58 2.89 0.03
N LEU C 520 -20.83 2.31 -1.13
CA LEU C 520 -21.56 1.05 -1.30
C LEU C 520 -23.04 1.18 -0.98
N GLU C 521 -23.50 2.36 -0.57
CA GLU C 521 -24.92 2.59 -0.31
C GLU C 521 -25.35 3.93 -0.87
N PHE C 522 -24.67 4.43 -1.90
CA PHE C 522 -24.88 5.79 -2.35
C PHE C 522 -26.22 5.97 -3.07
N THR C 523 -26.93 4.90 -3.37
CA THR C 523 -28.26 5.02 -3.98
C THR C 523 -29.14 3.89 -3.49
N GLU C 524 -30.45 4.16 -3.49
CA GLU C 524 -31.46 3.19 -3.09
C GLU C 524 -32.62 3.08 -4.06
N ASN C 525 -32.67 3.94 -5.08
CA ASN C 525 -33.78 3.99 -6.03
C ASN C 525 -33.31 3.35 -7.34
N TYR C 526 -33.52 2.05 -7.46
CA TYR C 526 -33.13 1.29 -8.64
C TYR C 526 -33.79 -0.08 -8.57
N ASP C 527 -33.38 -0.98 -9.46
CA ASP C 527 -33.91 -2.32 -9.48
C ASP C 527 -33.30 -3.12 -8.32
N PHE C 528 -33.58 -4.42 -8.31
CA PHE C 528 -33.17 -5.28 -7.20
C PHE C 528 -31.74 -4.98 -6.77
N LYS C 529 -31.55 -4.83 -5.46
CA LYS C 529 -30.25 -4.44 -4.92
C LYS C 529 -29.16 -5.43 -5.28
N ALA C 530 -29.52 -6.69 -5.57
CA ALA C 530 -28.50 -7.70 -5.81
C ALA C 530 -27.56 -7.30 -6.93
N VAL C 531 -28.12 -6.92 -8.09
CA VAL C 531 -27.30 -6.64 -9.25
C VAL C 531 -26.37 -5.46 -8.97
N PHE C 532 -26.88 -4.44 -8.31
CA PHE C 532 -26.04 -3.30 -7.93
C PHE C 532 -24.89 -3.75 -7.04
N ILE C 533 -25.17 -4.65 -6.10
CA ILE C 533 -24.12 -5.11 -5.18
C ILE C 533 -23.05 -5.89 -5.95
N ILE C 534 -23.47 -6.77 -6.86
CA ILE C 534 -22.52 -7.61 -7.65
C ILE C 534 -21.72 -6.69 -8.58
N LEU C 535 -22.29 -5.61 -9.09
CA LEU C 535 -21.55 -4.67 -9.92
C LEU C 535 -20.49 -3.94 -9.11
N LEU C 536 -20.87 -3.38 -7.97
CA LEU C 536 -19.90 -2.63 -7.17
C LEU C 536 -18.78 -3.53 -6.67
N LEU C 537 -19.11 -4.74 -6.18
CA LEU C 537 -18.09 -5.61 -5.65
C LEU C 537 -17.11 -6.04 -6.74
N ALA C 538 -17.63 -6.38 -7.93
CA ALA C 538 -16.76 -6.72 -9.04
C ALA C 538 -15.87 -5.55 -9.41
N TYR C 539 -16.42 -4.33 -9.39
CA TYR C 539 -15.60 -3.16 -9.70
C TYR C 539 -14.45 -3.03 -8.71
N VAL C 540 -14.74 -3.16 -7.42
CA VAL C 540 -13.70 -3.01 -6.41
C VAL C 540 -12.63 -4.08 -6.59
N ILE C 541 -13.05 -5.34 -6.76
CA ILE C 541 -12.09 -6.42 -6.89
C ILE C 541 -11.22 -6.21 -8.12
N LEU C 542 -11.84 -5.86 -9.26
CA LEU C 542 -11.06 -5.68 -10.48
C LEU C 542 -10.10 -4.52 -10.37
N THR C 543 -10.53 -3.40 -9.78
CA THR C 543 -9.61 -2.28 -9.68
C THR C 543 -8.45 -2.60 -8.76
N TYR C 544 -8.70 -3.30 -7.66
CA TYR C 544 -7.59 -3.66 -6.78
C TYR C 544 -6.63 -4.62 -7.47
N ILE C 545 -7.17 -5.58 -8.23
CA ILE C 545 -6.29 -6.45 -9.02
C ILE C 545 -5.46 -5.62 -9.97
N LEU C 546 -6.09 -4.63 -10.61
CA LEU C 546 -5.41 -3.82 -11.60
C LEU C 546 -4.25 -3.06 -10.97
N LEU C 547 -4.49 -2.44 -9.81
CA LEU C 547 -3.41 -1.71 -9.14
C LEU C 547 -2.31 -2.66 -8.69
N LEU C 548 -2.67 -3.83 -8.19
CA LEU C 548 -1.65 -4.77 -7.76
C LEU C 548 -0.74 -5.17 -8.92
N ASN C 549 -1.34 -5.48 -10.07
CA ASN C 549 -0.53 -5.84 -11.23
C ASN C 549 0.26 -4.64 -11.75
N MET C 550 -0.33 -3.46 -11.72
CA MET C 550 0.37 -2.22 -12.02
C MET C 550 1.69 -2.21 -11.28
N LEU C 551 1.58 -2.26 -9.95
CA LEU C 551 2.74 -2.19 -9.08
C LEU C 551 3.75 -3.29 -9.39
N ILE C 552 3.29 -4.54 -9.41
CA ILE C 552 4.23 -5.64 -9.56
C ILE C 552 4.96 -5.54 -10.88
N ALA C 553 4.25 -5.14 -11.94
CA ALA C 553 4.87 -5.08 -13.26
C ALA C 553 5.92 -3.98 -13.32
N LEU C 554 5.54 -2.73 -12.99
CA LEU C 554 6.54 -1.68 -13.18
C LEU C 554 7.60 -1.75 -12.11
N MET C 555 7.43 -2.59 -11.09
CA MET C 555 8.47 -2.82 -10.11
C MET C 555 9.46 -3.88 -10.58
N GLY C 556 8.93 -5.02 -11.06
CA GLY C 556 9.80 -6.07 -11.54
C GLY C 556 10.60 -5.65 -12.75
N GLU C 557 10.01 -4.82 -13.62
CA GLU C 557 10.73 -4.39 -14.81
C GLU C 557 11.80 -3.34 -14.51
N THR C 558 11.82 -2.77 -13.30
CA THR C 558 12.65 -1.61 -13.04
C THR C 558 13.66 -1.79 -11.91
N VAL C 559 13.35 -2.57 -10.89
CA VAL C 559 14.16 -2.63 -9.67
C VAL C 559 15.66 -2.70 -9.98
N ASN C 560 16.02 -3.42 -11.04
CA ASN C 560 17.43 -3.71 -11.29
C ASN C 560 18.18 -2.47 -11.74
N LYS C 561 17.64 -1.75 -12.72
CA LYS C 561 18.41 -0.74 -13.45
C LYS C 561 18.27 0.67 -12.91
N ILE C 562 17.39 0.90 -11.94
CA ILE C 562 17.20 2.26 -11.41
C ILE C 562 18.49 2.78 -10.78
N ALA C 563 19.28 1.89 -10.18
CA ALA C 563 20.52 2.33 -9.55
C ALA C 563 21.49 2.94 -10.55
N GLN C 564 21.32 2.61 -11.84
CA GLN C 564 22.28 3.05 -12.89
C GLN C 564 21.61 3.98 -13.90
N GLU C 565 20.44 3.63 -14.46
CA GLU C 565 19.84 4.41 -15.53
C GLU C 565 19.36 5.77 -15.05
N SER C 566 18.79 5.82 -13.84
CA SER C 566 18.31 7.09 -13.31
C SER C 566 19.46 8.06 -13.09
N LYS C 567 20.56 7.57 -12.52
CA LYS C 567 21.74 8.42 -12.35
C LYS C 567 22.24 8.92 -13.70
N ASN C 568 22.29 8.03 -14.70
CA ASN C 568 22.78 8.45 -16.01
C ASN C 568 21.88 9.50 -16.62
N ILE C 569 20.57 9.34 -16.50
CA ILE C 569 19.65 10.33 -17.05
C ILE C 569 19.81 11.66 -16.34
N TRP C 570 19.95 11.63 -15.01
CA TRP C 570 20.15 12.87 -14.27
C TRP C 570 21.43 13.57 -14.73
N LYS C 571 22.51 12.82 -14.89
CA LYS C 571 23.76 13.42 -15.34
C LYS C 571 23.60 13.99 -16.74
N LEU C 572 22.90 13.28 -17.62
CA LEU C 572 22.69 13.79 -18.98
C LEU C 572 21.94 15.11 -18.96
N GLN C 573 20.87 15.21 -18.16
CA GLN C 573 20.09 16.44 -18.15
C GLN C 573 20.87 17.58 -17.50
N ARG C 574 21.66 17.28 -16.45
CA ARG C 574 22.53 18.32 -15.92
C ARG C 574 23.53 18.78 -16.96
N ALA C 575 24.03 17.87 -17.80
CA ALA C 575 24.93 18.27 -18.88
C ALA C 575 24.22 19.18 -19.86
N ILE C 576 22.97 18.86 -20.21
CA ILE C 576 22.20 19.76 -21.08
C ILE C 576 22.11 21.14 -20.44
N THR C 577 21.80 21.19 -19.13
CA THR C 577 21.68 22.47 -18.45
C THR C 577 22.99 23.23 -18.47
N ILE C 578 24.11 22.54 -18.22
CA ILE C 578 25.40 23.21 -18.19
C ILE C 578 25.73 23.77 -19.55
N LEU C 579 25.49 23.01 -20.61
CA LEU C 579 25.76 23.51 -21.96
C LEU C 579 24.89 24.71 -22.28
N ASP C 580 23.60 24.65 -21.92
CA ASP C 580 22.71 25.78 -22.21
C ASP C 580 23.19 27.03 -21.48
N THR C 581 23.51 26.91 -20.19
CA THR C 581 23.90 28.10 -19.44
C THR C 581 25.27 28.61 -19.85
N GLU C 582 26.16 27.71 -20.28
CA GLU C 582 27.44 28.16 -20.83
C GLU C 582 27.25 28.93 -22.12
N LYS C 583 26.34 28.45 -22.99
CA LYS C 583 26.11 29.13 -24.25
C LYS C 583 25.39 30.46 -24.04
N SER C 584 24.51 30.55 -23.04
CA SER C 584 23.68 31.77 -22.81
C SER C 584 24.55 32.97 -22.46
N LEU D 280 11.03 -23.78 -45.52
CA LEU D 280 10.07 -23.93 -44.38
C LEU D 280 8.70 -24.33 -44.93
N SER D 281 8.54 -25.55 -45.45
CA SER D 281 7.26 -26.00 -45.96
C SER D 281 6.41 -26.58 -44.83
N CYS D 282 5.13 -26.78 -45.14
CA CYS D 282 4.17 -27.34 -44.19
C CYS D 282 4.13 -26.50 -42.90
N ILE D 283 4.11 -25.18 -43.08
CA ILE D 283 4.17 -24.24 -41.97
C ILE D 283 2.82 -23.56 -41.73
N ASP D 284 2.12 -23.18 -42.78
CA ASP D 284 0.82 -22.54 -42.61
C ASP D 284 -0.29 -23.15 -43.46
N THR D 285 0.00 -23.54 -44.69
CA THR D 285 -0.99 -24.11 -45.61
C THR D 285 -0.50 -25.48 -46.07
N CYS D 286 -1.06 -26.53 -45.46
CA CYS D 286 -0.70 -27.90 -45.80
C CYS D 286 -1.89 -28.83 -45.99
N GLU D 287 -3.06 -28.51 -45.43
CA GLU D 287 -4.26 -29.33 -45.55
C GLU D 287 -4.16 -30.59 -44.70
N LYS D 288 -2.98 -30.83 -44.11
CA LYS D 288 -2.77 -31.98 -43.23
C LYS D 288 -2.44 -31.53 -41.81
N ASN D 289 -1.40 -30.73 -41.64
CA ASN D 289 -0.96 -30.21 -40.35
C ASN D 289 0.12 -29.19 -40.64
N SER D 290 0.50 -28.44 -39.60
CA SER D 290 1.57 -27.47 -39.75
C SER D 290 2.11 -27.11 -38.37
N VAL D 291 3.34 -26.58 -38.36
CA VAL D 291 3.95 -26.22 -37.09
C VAL D 291 3.19 -25.10 -36.41
N LEU D 292 2.80 -24.07 -37.17
CA LEU D 292 2.06 -22.96 -36.56
C LEU D 292 0.68 -23.43 -36.09
N GLU D 293 -0.07 -24.10 -36.96
CA GLU D 293 -1.39 -24.58 -36.58
C GLU D 293 -1.34 -25.55 -35.41
N VAL D 294 -0.18 -26.17 -35.16
CA VAL D 294 -0.05 -27.10 -34.05
C VAL D 294 0.33 -26.38 -32.77
N ILE D 295 1.33 -25.52 -32.83
CA ILE D 295 1.77 -24.79 -31.63
C ILE D 295 0.64 -23.89 -31.13
N ALA D 296 0.00 -23.16 -32.04
CA ALA D 296 -1.05 -22.24 -31.63
C ALA D 296 -2.21 -22.98 -30.96
N TYR D 297 -2.56 -24.15 -31.48
CA TYR D 297 -3.68 -24.93 -30.98
C TYR D 297 -3.25 -25.94 -29.92
N SER D 298 -2.00 -25.88 -29.45
CA SER D 298 -1.53 -26.83 -28.46
C SER D 298 -2.32 -26.69 -27.16
N SER D 299 -2.55 -27.82 -26.50
CA SER D 299 -3.29 -27.85 -25.25
C SER D 299 -2.34 -27.61 -24.07
N SER D 300 -2.92 -27.48 -22.87
CA SER D 300 -2.17 -27.09 -21.69
C SER D 300 -1.17 -28.15 -21.22
N GLU D 301 -1.03 -29.25 -21.94
CA GLU D 301 -0.12 -30.31 -21.54
C GLU D 301 1.25 -30.22 -22.21
N THR D 302 1.43 -29.33 -23.17
CA THR D 302 2.74 -29.16 -23.80
C THR D 302 3.68 -28.42 -22.85
N PRO D 303 4.94 -28.85 -22.71
CA PRO D 303 5.83 -28.17 -21.75
C PRO D 303 6.28 -26.78 -22.18
N ASN D 304 6.67 -26.61 -23.45
CA ASN D 304 7.48 -25.47 -23.89
C ASN D 304 6.87 -24.82 -25.12
N ARG D 305 5.59 -24.45 -25.05
CA ARG D 305 4.88 -23.91 -26.24
C ARG D 305 5.20 -22.42 -26.46
N HIS D 306 5.26 -21.59 -25.40
CA HIS D 306 5.44 -20.16 -25.61
C HIS D 306 6.90 -19.79 -25.84
N ASP D 307 7.84 -20.66 -25.48
CA ASP D 307 9.23 -20.50 -25.84
C ASP D 307 9.59 -21.28 -27.10
N MET D 308 8.62 -21.95 -27.73
CA MET D 308 8.87 -22.59 -29.01
C MET D 308 8.89 -21.57 -30.15
N LEU D 309 8.03 -20.55 -30.09
CA LEU D 309 8.09 -19.48 -31.07
C LEU D 309 9.35 -18.62 -30.92
N LEU D 310 10.10 -18.78 -29.84
CA LEU D 310 11.30 -17.99 -29.65
C LEU D 310 12.28 -18.18 -30.79
N VAL D 311 12.22 -19.31 -31.49
CA VAL D 311 13.12 -19.54 -32.62
C VAL D 311 12.94 -18.40 -33.61
N GLU D 312 14.07 -17.85 -34.07
CA GLU D 312 14.01 -16.64 -34.88
C GLU D 312 13.22 -16.79 -36.18
N PRO D 313 13.33 -17.89 -36.94
CA PRO D 313 12.56 -17.93 -38.20
C PRO D 313 11.06 -17.81 -38.00
N LEU D 314 10.51 -18.50 -37.00
CA LEU D 314 9.08 -18.42 -36.76
C LEU D 314 8.66 -17.02 -36.33
N ASN D 315 9.46 -16.43 -35.44
CA ASN D 315 9.21 -15.05 -34.93
C ASN D 315 9.21 -14.05 -36.08
N ARG D 316 10.16 -14.18 -37.02
CA ARG D 316 10.24 -13.27 -38.16
C ARG D 316 9.10 -13.51 -39.13
N LEU D 317 8.74 -14.77 -39.36
CA LEU D 317 7.60 -15.07 -40.23
C LEU D 317 6.32 -14.44 -39.70
N LEU D 318 6.06 -14.62 -38.40
CA LEU D 318 4.85 -14.07 -37.81
C LEU D 318 4.85 -12.55 -37.88
N GLN D 319 5.99 -11.92 -37.60
CA GLN D 319 6.07 -10.47 -37.67
C GLN D 319 5.82 -9.98 -39.09
N ASP D 320 6.39 -10.66 -40.09
CA ASP D 320 6.16 -10.27 -41.47
C ASP D 320 4.68 -10.37 -41.83
N LYS D 321 4.04 -11.49 -41.47
CA LYS D 321 2.62 -11.64 -41.79
C LYS D 321 1.79 -10.56 -41.10
N TRP D 322 2.10 -10.29 -39.84
CA TRP D 322 1.41 -9.24 -39.10
C TRP D 322 1.52 -7.92 -39.84
N ASP D 323 2.74 -7.42 -40.01
CA ASP D 323 2.96 -6.15 -40.69
C ASP D 323 2.37 -6.14 -42.09
N ARG D 324 2.24 -7.30 -42.73
CA ARG D 324 1.76 -7.32 -44.09
C ARG D 324 0.26 -7.07 -44.16
N PHE D 325 -0.53 -7.87 -43.44
CA PHE D 325 -1.98 -7.62 -43.45
C PHE D 325 -2.69 -7.70 -42.10
N VAL D 326 -2.15 -8.41 -41.12
CA VAL D 326 -2.96 -8.64 -39.94
C VAL D 326 -3.00 -7.41 -39.07
N LYS D 327 -1.99 -6.55 -39.14
CA LYS D 327 -2.05 -5.28 -38.43
C LYS D 327 -3.29 -4.50 -38.85
N ARG D 328 -3.47 -4.32 -40.16
CA ARG D 328 -4.61 -3.56 -40.66
C ARG D 328 -5.92 -4.25 -40.32
N ILE D 329 -6.00 -5.56 -40.54
CA ILE D 329 -7.26 -6.25 -40.27
C ILE D 329 -7.62 -6.14 -38.79
N PHE D 330 -6.63 -6.32 -37.92
CA PHE D 330 -6.86 -6.24 -36.49
C PHE D 330 -7.30 -4.84 -36.07
N TYR D 331 -6.67 -3.80 -36.64
CA TYR D 331 -7.07 -2.45 -36.30
C TYR D 331 -8.51 -2.18 -36.73
N PHE D 332 -8.88 -2.64 -37.92
CA PHE D 332 -10.26 -2.46 -38.37
C PHE D 332 -11.24 -3.20 -37.46
N ASN D 333 -10.89 -4.42 -37.06
CA ASN D 333 -11.76 -5.17 -36.16
C ASN D 333 -11.91 -4.43 -34.83
N PHE D 334 -10.82 -3.87 -34.32
CA PHE D 334 -10.89 -3.13 -33.06
C PHE D 334 -11.80 -1.92 -33.21
N PHE D 335 -11.68 -1.19 -34.32
CA PHE D 335 -12.54 -0.04 -34.53
C PHE D 335 -14.00 -0.46 -34.60
N VAL D 336 -14.30 -1.54 -35.30
CA VAL D 336 -15.68 -2.00 -35.41
C VAL D 336 -16.22 -2.39 -34.04
N TYR D 337 -15.40 -3.08 -33.25
CA TYR D 337 -15.87 -3.50 -31.93
C TYR D 337 -16.13 -2.30 -31.03
N CYS D 338 -15.24 -1.30 -31.05
CA CYS D 338 -15.47 -0.12 -30.26
C CYS D 338 -16.75 0.58 -30.70
N LEU D 339 -16.98 0.65 -32.01
CA LEU D 339 -18.23 1.24 -32.50
C LEU D 339 -19.43 0.48 -31.96
N TYR D 340 -19.39 -0.85 -32.03
CA TYR D 340 -20.51 -1.65 -31.55
C TYR D 340 -20.78 -1.38 -30.08
N MET D 341 -19.72 -1.34 -29.27
CA MET D 341 -19.89 -1.07 -27.85
C MET D 341 -20.48 0.32 -27.64
N ILE D 342 -20.07 1.29 -28.44
CA ILE D 342 -20.60 2.65 -28.30
C ILE D 342 -22.11 2.65 -28.53
N ILE D 343 -22.53 2.02 -29.63
CA ILE D 343 -23.97 1.95 -30.03
C ILE D 343 -24.75 1.18 -28.95
N PHE D 344 -24.16 0.13 -28.35
CA PHE D 344 -24.84 -0.65 -27.33
C PHE D 344 -25.01 0.16 -26.05
N THR D 345 -23.94 0.84 -25.62
CA THR D 345 -24.03 1.65 -24.42
C THR D 345 -25.03 2.78 -24.59
N ALA D 346 -25.02 3.45 -25.74
CA ALA D 346 -25.95 4.54 -25.96
C ALA D 346 -27.40 4.05 -25.91
N ALA D 347 -27.67 2.92 -26.55
CA ALA D 347 -29.03 2.38 -26.53
C ALA D 347 -29.45 1.97 -25.14
N ALA D 348 -28.54 1.40 -24.35
CA ALA D 348 -28.90 0.99 -23.00
C ALA D 348 -29.15 2.20 -22.12
N TYR D 349 -28.28 3.21 -22.18
CA TYR D 349 -28.36 4.33 -21.26
C TYR D 349 -29.68 5.08 -21.42
N TYR D 350 -30.14 5.27 -22.66
CA TYR D 350 -31.39 5.97 -22.93
C TYR D 350 -32.60 5.05 -22.88
N ARG D 351 -32.50 3.95 -22.16
CA ARG D 351 -33.64 3.03 -22.05
C ARG D 351 -34.83 3.74 -21.43
N PRO D 352 -36.04 3.53 -21.92
CA PRO D 352 -37.22 4.14 -21.30
C PRO D 352 -37.60 3.44 -20.02
N PRO D 357 -42.56 -4.19 -20.30
CA PRO D 357 -42.12 -4.22 -21.70
C PRO D 357 -42.78 -5.38 -22.44
N PRO D 358 -42.68 -5.42 -23.77
CA PRO D 358 -41.99 -4.44 -24.62
C PRO D 358 -42.76 -3.13 -24.80
N TYR D 359 -42.10 -2.13 -25.38
CA TYR D 359 -42.64 -0.79 -25.50
C TYR D 359 -42.93 -0.46 -26.96
N VAL D 365 -37.29 10.99 -33.91
CA VAL D 365 -35.95 10.47 -34.17
C VAL D 365 -35.41 9.70 -32.97
N GLY D 366 -35.80 10.11 -31.77
CA GLY D 366 -35.28 9.48 -30.56
C GLY D 366 -35.61 8.01 -30.45
N ASP D 367 -36.90 7.67 -30.57
CA ASP D 367 -37.36 6.26 -30.39
C ASP D 367 -36.89 5.44 -31.59
N TYR D 368 -36.76 6.02 -32.79
CA TYR D 368 -36.19 5.30 -33.94
C TYR D 368 -34.73 4.97 -33.68
N PHE D 369 -33.96 5.94 -33.18
CA PHE D 369 -32.55 5.71 -32.91
C PHE D 369 -32.36 4.66 -31.82
N ARG D 370 -33.18 4.71 -30.76
CA ARG D 370 -33.05 3.69 -29.72
C ARG D 370 -33.35 2.31 -30.28
N VAL D 371 -34.38 2.20 -31.11
CA VAL D 371 -34.75 0.91 -31.67
C VAL D 371 -33.64 0.37 -32.57
N THR D 372 -33.08 1.22 -33.44
CA THR D 372 -32.02 0.74 -34.31
C THR D 372 -30.78 0.36 -33.51
N GLY D 373 -30.48 1.11 -32.44
CA GLY D 373 -29.39 0.72 -31.58
C GLY D 373 -29.61 -0.64 -30.94
N GLU D 374 -30.84 -0.90 -30.48
CA GLU D 374 -31.14 -2.20 -29.91
C GLU D 374 -30.99 -3.30 -30.94
N ILE D 375 -31.45 -3.05 -32.17
CA ILE D 375 -31.34 -4.07 -33.21
C ILE D 375 -29.89 -4.38 -33.52
N LEU D 376 -29.07 -3.33 -33.64
CA LEU D 376 -27.64 -3.54 -33.87
C LEU D 376 -27.01 -4.32 -32.73
N SER D 377 -27.40 -3.98 -31.49
CA SER D 377 -26.85 -4.64 -30.28
C SER D 377 -27.24 -6.11 -30.31
N VAL D 378 -28.46 -6.47 -30.75
CA VAL D 378 -28.88 -7.85 -30.85
C VAL D 378 -28.09 -8.56 -31.94
N SER D 379 -27.83 -7.87 -33.05
CA SER D 379 -26.99 -8.43 -34.10
C SER D 379 -25.63 -8.81 -33.55
N GLY D 380 -25.01 -7.89 -32.82
CA GLY D 380 -23.70 -8.18 -32.25
C GLY D 380 -23.73 -9.36 -31.31
N GLY D 381 -24.75 -9.42 -30.45
CA GLY D 381 -24.85 -10.51 -29.50
C GLY D 381 -24.99 -11.86 -30.18
N VAL D 382 -25.88 -11.94 -31.16
CA VAL D 382 -26.07 -13.21 -31.86
C VAL D 382 -24.81 -13.60 -32.61
N TYR D 383 -24.14 -12.61 -33.20
CA TYR D 383 -22.91 -12.89 -33.94
C TYR D 383 -21.85 -13.48 -33.01
N PHE D 384 -21.66 -12.87 -31.83
CA PHE D 384 -20.68 -13.40 -30.89
C PHE D 384 -21.07 -14.78 -30.40
N PHE D 385 -22.36 -15.01 -30.15
CA PHE D 385 -22.80 -16.32 -29.70
C PHE D 385 -22.48 -17.38 -30.75
N PHE D 386 -22.76 -17.08 -32.02
CA PHE D 386 -22.53 -18.07 -33.07
C PHE D 386 -21.04 -18.32 -33.27
N ARG D 387 -20.21 -17.28 -33.16
CA ARG D 387 -18.76 -17.52 -33.20
C ARG D 387 -18.32 -18.39 -32.03
N GLY D 388 -18.87 -18.16 -30.84
CA GLY D 388 -18.49 -18.99 -29.71
C GLY D 388 -18.85 -20.44 -29.94
N ILE D 389 -20.04 -20.70 -30.45
CA ILE D 389 -20.45 -22.06 -30.75
C ILE D 389 -19.52 -22.67 -31.79
N GLN D 390 -19.20 -21.90 -32.84
CA GLN D 390 -18.30 -22.42 -33.87
C GLN D 390 -16.95 -22.78 -33.29
N TYR D 391 -16.40 -21.91 -32.44
CA TYR D 391 -15.10 -22.19 -31.85
C TYR D 391 -15.13 -23.44 -30.99
N PHE D 392 -16.18 -23.60 -30.19
CA PHE D 392 -16.24 -24.76 -29.31
C PHE D 392 -16.45 -26.04 -30.11
N LEU D 393 -17.19 -25.97 -31.22
CA LEU D 393 -17.28 -27.14 -32.10
C LEU D 393 -15.92 -27.48 -32.68
N GLN D 394 -15.17 -26.48 -33.12
CA GLN D 394 -13.89 -26.73 -33.77
C GLN D 394 -12.76 -27.04 -32.80
N ARG D 395 -12.96 -26.82 -31.51
CA ARG D 395 -11.92 -27.00 -30.51
C ARG D 395 -12.09 -28.27 -29.70
N ARG D 396 -13.23 -28.46 -29.06
CA ARG D 396 -13.43 -29.59 -28.18
C ARG D 396 -12.36 -29.58 -27.10
N PRO D 397 -12.40 -28.61 -26.18
CA PRO D 397 -11.34 -28.49 -25.17
C PRO D 397 -11.25 -29.71 -24.26
N SER D 398 -10.30 -29.69 -23.33
CA SER D 398 -10.03 -30.83 -22.45
C SER D 398 -10.94 -30.88 -21.23
N LEU D 399 -11.85 -29.91 -21.08
CA LEU D 399 -12.84 -29.92 -20.01
C LEU D 399 -12.22 -29.69 -18.63
N LYS D 400 -10.89 -29.60 -18.56
CA LYS D 400 -10.21 -29.40 -17.29
C LYS D 400 -9.31 -28.18 -17.36
N SER D 401 -8.69 -27.96 -18.53
CA SER D 401 -7.91 -26.76 -18.80
C SER D 401 -8.70 -25.73 -19.60
N LEU D 402 -10.03 -25.78 -19.53
CA LEU D 402 -10.86 -24.87 -20.31
C LEU D 402 -10.58 -23.41 -19.94
N PHE D 403 -10.48 -23.13 -18.65
CA PHE D 403 -10.40 -21.73 -18.21
C PHE D 403 -9.04 -21.12 -18.53
N VAL D 404 -7.97 -21.92 -18.48
CA VAL D 404 -6.64 -21.35 -18.65
C VAL D 404 -6.43 -20.85 -20.08
N ASP D 405 -6.99 -21.60 -21.03
CA ASP D 405 -6.86 -21.24 -22.47
C ASP D 405 -8.17 -20.64 -22.92
N SER D 406 -8.19 -19.94 -24.05
CA SER D 406 -9.42 -19.42 -24.64
C SER D 406 -10.22 -18.62 -23.60
N TYR D 407 -9.49 -17.90 -22.74
CA TYR D 407 -10.12 -17.07 -21.69
C TYR D 407 -10.96 -16.00 -22.37
N SER D 408 -10.49 -15.39 -23.46
CA SER D 408 -11.27 -14.41 -24.20
C SER D 408 -12.48 -15.06 -24.86
N GLU D 409 -12.30 -16.26 -25.41
CA GLU D 409 -13.40 -16.93 -26.10
C GLU D 409 -14.54 -17.24 -25.13
N ILE D 410 -14.22 -17.80 -23.97
CA ILE D 410 -15.25 -18.14 -23.00
C ILE D 410 -15.90 -16.88 -22.46
N LEU D 411 -15.13 -15.81 -22.26
CA LEU D 411 -15.72 -14.56 -21.79
C LEU D 411 -16.70 -13.99 -22.82
N PHE D 412 -16.31 -13.99 -24.09
CA PHE D 412 -17.21 -13.51 -25.13
C PHE D 412 -18.48 -14.35 -25.17
N PHE D 413 -18.32 -15.67 -25.06
CA PHE D 413 -19.49 -16.55 -25.04
C PHE D 413 -20.41 -16.22 -23.88
N VAL D 414 -19.83 -15.98 -22.70
CA VAL D 414 -20.64 -15.68 -21.52
C VAL D 414 -21.39 -14.37 -21.71
N GLN D 415 -20.71 -13.36 -22.26
CA GLN D 415 -21.37 -12.08 -22.51
C GLN D 415 -22.54 -12.27 -23.48
N SER D 416 -22.28 -13.02 -24.53
CA SER D 416 -23.29 -13.32 -25.57
C SER D 416 -24.49 -13.99 -24.92
N LEU D 417 -24.27 -14.97 -24.05
CA LEU D 417 -25.34 -15.69 -23.34
C LEU D 417 -26.11 -14.76 -22.43
N PHE D 418 -25.40 -13.91 -21.69
CA PHE D 418 -26.07 -12.94 -20.83
C PHE D 418 -27.07 -12.12 -21.61
N MET D 419 -26.59 -11.52 -22.72
CA MET D 419 -27.40 -10.60 -23.55
C MET D 419 -28.56 -11.34 -24.24
N LEU D 420 -28.37 -12.60 -24.62
CA LEU D 420 -29.46 -13.40 -25.20
C LEU D 420 -30.53 -13.69 -24.17
N VAL D 421 -30.12 -14.02 -22.94
CA VAL D 421 -31.10 -14.14 -21.86
C VAL D 421 -31.83 -12.82 -21.66
N SER D 422 -31.09 -11.71 -21.79
CA SER D 422 -31.73 -10.41 -21.67
C SER D 422 -32.85 -10.23 -22.68
N VAL D 423 -32.58 -10.55 -23.95
CA VAL D 423 -33.61 -10.35 -24.97
C VAL D 423 -34.78 -11.31 -24.75
N VAL D 424 -34.49 -12.55 -24.36
CA VAL D 424 -35.56 -13.50 -24.08
C VAL D 424 -36.48 -12.96 -22.99
N LEU D 425 -35.89 -12.45 -21.90
CA LEU D 425 -36.70 -11.88 -20.84
C LEU D 425 -37.46 -10.66 -21.32
N TYR D 426 -36.81 -9.81 -22.12
CA TYR D 426 -37.43 -8.58 -22.57
C TYR D 426 -38.68 -8.86 -23.38
N PHE D 427 -38.63 -9.86 -24.27
CA PHE D 427 -39.80 -10.25 -25.02
C PHE D 427 -40.71 -11.20 -24.25
N SER D 428 -40.34 -11.57 -23.03
CA SER D 428 -41.13 -12.47 -22.20
C SER D 428 -41.98 -11.74 -21.18
N GLN D 429 -42.11 -10.42 -21.28
CA GLN D 429 -42.91 -9.63 -20.36
C GLN D 429 -42.37 -9.75 -18.93
N ARG D 430 -41.11 -9.32 -18.76
CA ARG D 430 -40.47 -9.29 -17.46
C ARG D 430 -39.58 -8.05 -17.40
N LYS D 431 -38.86 -7.91 -16.28
CA LYS D 431 -37.96 -6.79 -16.09
C LYS D 431 -36.56 -7.18 -15.64
N GLU D 432 -36.28 -8.48 -15.48
CA GLU D 432 -34.91 -8.91 -15.23
C GLU D 432 -34.01 -8.74 -16.44
N TYR D 433 -34.59 -8.42 -17.60
CA TYR D 433 -33.78 -8.11 -18.76
C TYR D 433 -32.88 -6.93 -18.48
N VAL D 434 -33.32 -5.99 -17.64
CA VAL D 434 -32.46 -4.87 -17.26
C VAL D 434 -31.18 -5.40 -16.61
N ALA D 435 -31.33 -6.28 -15.62
CA ALA D 435 -30.17 -6.80 -14.91
C ALA D 435 -29.26 -7.57 -15.83
N SER D 436 -29.82 -8.46 -16.64
CA SER D 436 -29.00 -9.32 -17.54
C SER D 436 -28.33 -8.46 -18.63
N MET D 437 -28.96 -7.36 -19.07
CA MET D 437 -28.35 -6.47 -20.05
C MET D 437 -27.22 -5.66 -19.43
N VAL D 438 -27.40 -5.18 -18.21
CA VAL D 438 -26.32 -4.41 -17.58
C VAL D 438 -25.12 -5.32 -17.31
N PHE D 439 -25.38 -6.57 -16.93
CA PHE D 439 -24.27 -7.49 -16.76
C PHE D 439 -23.51 -7.67 -18.07
N SER D 440 -24.24 -7.85 -19.17
CA SER D 440 -23.59 -8.01 -20.46
C SER D 440 -22.82 -6.75 -20.84
N LEU D 441 -23.38 -5.58 -20.54
CA LEU D 441 -22.72 -4.33 -20.89
C LEU D 441 -21.39 -4.18 -20.15
N ALA D 442 -21.40 -4.44 -18.84
CA ALA D 442 -20.16 -4.38 -18.08
C ALA D 442 -19.16 -5.39 -18.62
N MET D 443 -19.62 -6.61 -18.92
CA MET D 443 -18.72 -7.63 -19.43
C MET D 443 -18.09 -7.18 -20.75
N GLY D 444 -18.87 -6.59 -21.64
CA GLY D 444 -18.33 -6.14 -22.92
C GLY D 444 -17.33 -5.01 -22.76
N TRP D 445 -17.67 -4.03 -21.92
CA TRP D 445 -16.72 -2.95 -21.68
C TRP D 445 -15.40 -3.49 -21.16
N THR D 446 -15.45 -4.52 -20.31
CA THR D 446 -14.21 -5.13 -19.73
C THR D 446 -13.52 -5.97 -20.81
N ASN D 447 -14.24 -6.61 -21.73
CA ASN D 447 -13.62 -7.37 -22.80
C ASN D 447 -12.91 -6.47 -23.80
N MET D 448 -13.33 -5.22 -23.88
CA MET D 448 -12.64 -4.29 -24.78
C MET D 448 -11.13 -4.38 -24.66
N LEU D 449 -10.60 -4.81 -23.51
CA LEU D 449 -9.16 -4.98 -23.35
C LEU D 449 -8.60 -6.10 -24.21
N TYR D 450 -9.45 -6.98 -24.73
CA TYR D 450 -8.93 -8.11 -25.51
C TYR D 450 -8.04 -7.65 -26.65
N TYR D 451 -8.34 -6.50 -27.25
CA TYR D 451 -7.61 -6.02 -28.41
C TYR D 451 -6.27 -5.40 -28.05
N THR D 452 -5.95 -5.28 -26.77
CA THR D 452 -4.67 -4.72 -26.38
C THR D 452 -3.51 -5.52 -26.94
N ARG D 453 -3.70 -6.80 -27.24
CA ARG D 453 -2.67 -7.57 -27.92
C ARG D 453 -2.44 -7.00 -29.30
N GLY D 454 -1.18 -7.03 -29.73
CA GLY D 454 -0.73 -6.24 -30.86
C GLY D 454 0.02 -4.99 -30.46
N PHE D 455 -0.05 -4.61 -29.19
CA PHE D 455 0.77 -3.55 -28.63
C PHE D 455 1.61 -4.16 -27.51
N GLN D 456 2.92 -3.95 -27.56
CA GLN D 456 3.83 -4.57 -26.60
C GLN D 456 3.36 -4.36 -25.16
N GLN D 457 3.35 -3.10 -24.71
CA GLN D 457 3.15 -2.83 -23.29
C GLN D 457 1.74 -3.19 -22.85
N MET D 458 0.73 -2.73 -23.60
CA MET D 458 -0.65 -3.00 -23.21
C MET D 458 -0.96 -4.49 -23.26
N GLY D 459 -0.49 -5.17 -24.32
CA GLY D 459 -0.70 -6.59 -24.42
C GLY D 459 -0.08 -7.35 -23.25
N ILE D 460 1.16 -7.01 -22.92
CA ILE D 460 1.82 -7.68 -21.80
C ILE D 460 1.06 -7.42 -20.51
N TYR D 461 0.58 -6.18 -20.32
CA TYR D 461 -0.08 -5.85 -19.07
C TYR D 461 -1.41 -6.59 -18.95
N ALA D 462 -2.16 -6.69 -20.04
CA ALA D 462 -3.40 -7.46 -20.01
C ALA D 462 -3.12 -8.93 -19.77
N VAL D 463 -2.04 -9.45 -20.36
CA VAL D 463 -1.68 -10.84 -20.10
C VAL D 463 -1.40 -11.05 -18.61
N MET D 464 -0.71 -10.10 -17.99
CA MET D 464 -0.47 -10.19 -16.56
C MET D 464 -1.77 -10.22 -15.78
N ILE D 465 -2.71 -9.33 -16.13
CA ILE D 465 -4.00 -9.34 -15.45
C ILE D 465 -4.66 -10.71 -15.55
N GLU D 466 -4.72 -11.23 -16.78
CA GLU D 466 -5.41 -12.52 -17.06
C GLU D 466 -4.75 -13.68 -16.31
N LYS D 467 -3.42 -13.75 -16.27
CA LYS D 467 -2.73 -14.81 -15.55
C LYS D 467 -2.93 -14.67 -14.05
N MET D 468 -2.81 -13.45 -13.52
CA MET D 468 -2.94 -13.28 -12.08
C MET D 468 -4.34 -13.70 -11.63
N ILE D 469 -5.38 -13.24 -12.34
CA ILE D 469 -6.73 -13.68 -12.00
C ILE D 469 -6.77 -15.20 -11.98
N LEU D 470 -6.51 -15.82 -13.12
CA LEU D 470 -6.69 -17.26 -13.25
C LEU D 470 -5.97 -18.03 -12.15
N ARG D 471 -4.70 -17.72 -11.92
CA ARG D 471 -3.85 -18.54 -11.09
C ARG D 471 -3.70 -18.04 -9.66
N ASP D 472 -4.27 -16.87 -9.31
CA ASP D 472 -4.02 -16.27 -7.97
C ASP D 472 -5.25 -15.57 -7.39
N LEU D 473 -6.26 -15.22 -8.19
CA LEU D 473 -7.51 -14.64 -7.63
C LEU D 473 -7.91 -15.50 -6.43
N CYS D 474 -7.92 -16.83 -6.58
CA CYS D 474 -8.33 -17.78 -5.52
C CYS D 474 -7.33 -17.77 -4.35
N ARG D 475 -6.02 -17.66 -4.63
CA ARG D 475 -4.97 -17.69 -3.57
C ARG D 475 -5.34 -16.69 -2.47
N PHE D 476 -5.86 -15.51 -2.83
CA PHE D 476 -6.21 -14.43 -1.86
C PHE D 476 -7.70 -14.46 -1.55
N MET D 477 -8.55 -14.74 -2.54
CA MET D 477 -10.03 -14.73 -2.36
C MET D 477 -10.45 -15.85 -1.42
N PHE D 478 -9.87 -17.04 -1.54
CA PHE D 478 -10.23 -18.23 -0.72
C PHE D 478 -9.89 -17.98 0.75
N VAL D 479 -8.67 -17.52 1.04
CA VAL D 479 -8.20 -17.27 2.44
C VAL D 479 -9.01 -16.14 3.04
N TYR D 480 -9.41 -15.14 2.23
CA TYR D 480 -10.12 -13.94 2.75
C TYR D 480 -11.58 -14.23 3.05
N LEU D 481 -12.25 -15.13 2.33
CA LEU D 481 -13.66 -15.38 2.53
C LEU D 481 -13.91 -16.13 3.83
N VAL D 482 -13.06 -17.11 4.14
CA VAL D 482 -13.22 -17.84 5.40
C VAL D 482 -13.08 -16.89 6.58
N PHE D 483 -12.04 -16.05 6.56
CA PHE D 483 -11.85 -15.12 7.67
C PHE D 483 -13.04 -14.18 7.81
N LEU D 484 -13.47 -13.59 6.68
CA LEU D 484 -14.57 -12.63 6.73
C LEU D 484 -15.84 -13.29 7.23
N PHE D 485 -16.15 -14.48 6.72
CA PHE D 485 -17.36 -15.17 7.17
C PHE D 485 -17.29 -15.48 8.65
N GLY D 486 -16.14 -15.97 9.13
CA GLY D 486 -16.03 -16.29 10.53
C GLY D 486 -16.25 -15.08 11.43
N PHE D 487 -15.57 -13.98 11.11
CA PHE D 487 -15.68 -12.81 11.98
C PHE D 487 -17.04 -12.15 11.87
N SER D 488 -17.64 -12.15 10.67
CA SER D 488 -19.00 -11.64 10.54
C SER D 488 -19.98 -12.47 11.37
N THR D 489 -19.85 -13.79 11.32
CA THR D 489 -20.72 -14.64 12.12
C THR D 489 -20.53 -14.37 13.60
N ALA D 490 -19.28 -14.24 14.05
CA ALA D 490 -19.05 -13.95 15.46
C ALA D 490 -19.70 -12.64 15.87
N VAL D 491 -19.48 -11.58 15.09
CA VAL D 491 -20.01 -10.27 15.45
C VAL D 491 -21.54 -10.30 15.47
N VAL D 492 -22.15 -10.91 14.45
CA VAL D 492 -23.61 -10.93 14.41
C VAL D 492 -24.17 -11.76 15.56
N THR D 493 -23.48 -12.84 15.94
CA THR D 493 -23.90 -13.59 17.11
C THR D 493 -23.87 -12.72 18.35
N LEU D 494 -22.83 -11.89 18.48
CA LEU D 494 -22.78 -10.98 19.62
C LEU D 494 -23.95 -10.00 19.61
N ILE D 495 -24.30 -9.49 18.44
CA ILE D 495 -25.29 -8.42 18.35
C ILE D 495 -26.62 -8.92 18.89
N GLU D 496 -27.18 -8.19 19.87
CA GLU D 496 -28.44 -8.59 20.45
C GLU D 496 -29.58 -8.48 19.45
N ASP D 497 -29.69 -7.33 18.79
CA ASP D 497 -30.73 -7.10 17.79
C ASP D 497 -30.53 -5.70 17.23
N GLY D 498 -31.19 -5.43 16.11
CA GLY D 498 -31.13 -4.14 15.46
C GLY D 498 -31.06 -4.30 13.96
N LYS D 499 -30.75 -3.19 13.29
CA LYS D 499 -30.67 -3.21 11.84
C LYS D 499 -29.57 -4.14 11.34
N TYR D 500 -28.43 -4.13 12.01
CA TYR D 500 -27.27 -4.90 11.58
C TYR D 500 -27.33 -6.35 12.05
N ASN D 501 -28.37 -6.75 12.76
CA ASN D 501 -28.48 -8.14 13.20
C ASN D 501 -28.53 -9.11 12.04
N SER D 502 -28.95 -8.66 10.86
CA SER D 502 -28.95 -9.52 9.68
C SER D 502 -27.52 -9.86 9.31
N LEU D 503 -27.27 -11.14 9.01
CA LEU D 503 -25.91 -11.57 8.71
C LEU D 503 -25.34 -10.80 7.53
N TYR D 504 -26.16 -10.55 6.51
CA TYR D 504 -25.67 -9.86 5.32
C TYR D 504 -25.18 -8.45 5.66
N SER D 505 -25.95 -7.72 6.47
CA SER D 505 -25.57 -6.34 6.78
C SER D 505 -24.26 -6.30 7.54
N THR D 506 -24.11 -7.16 8.55
CA THR D 506 -22.87 -7.18 9.32
C THR D 506 -21.71 -7.64 8.47
N CYS D 507 -21.93 -8.60 7.57
CA CYS D 507 -20.87 -9.04 6.68
C CYS D 507 -20.41 -7.89 5.79
N LEU D 508 -21.35 -7.12 5.24
CA LEU D 508 -20.99 -5.97 4.44
C LEU D 508 -20.23 -4.94 5.28
N GLU D 509 -20.66 -4.73 6.52
CA GLU D 509 -19.98 -3.76 7.37
C GLU D 509 -18.55 -4.18 7.65
N LEU D 510 -18.32 -5.46 7.92
CA LEU D 510 -16.96 -5.94 8.09
C LEU D 510 -16.16 -5.79 6.79
N PHE D 511 -16.80 -6.04 5.65
CA PHE D 511 -16.09 -5.86 4.39
C PHE D 511 -15.62 -4.43 4.22
N LYS D 512 -16.48 -3.47 4.58
CA LYS D 512 -16.19 -2.05 4.38
C LYS D 512 -14.84 -1.65 4.99
N PHE D 513 -14.32 -2.47 5.91
CA PHE D 513 -13.00 -2.21 6.44
C PHE D 513 -11.92 -2.43 5.38
N THR D 514 -12.18 -3.29 4.40
CA THR D 514 -11.15 -3.62 3.43
C THR D 514 -10.94 -2.49 2.42
N ILE D 515 -11.96 -1.68 2.18
CA ILE D 515 -11.86 -0.58 1.22
C ILE D 515 -11.56 0.74 1.92
N GLY D 516 -10.99 0.69 3.13
CA GLY D 516 -10.67 1.91 3.84
C GLY D 516 -11.89 2.74 4.19
N MET D 517 -12.99 2.09 4.57
CA MET D 517 -14.21 2.79 4.93
C MET D 517 -14.85 2.17 6.17
N GLY D 518 -14.03 1.65 7.07
CA GLY D 518 -14.56 1.09 8.29
C GLY D 518 -15.13 2.16 9.20
N ASP D 519 -15.92 1.71 10.17
CA ASP D 519 -16.62 2.60 11.09
C ASP D 519 -16.23 2.40 12.55
N LEU D 520 -16.09 1.15 12.99
CA LEU D 520 -15.70 0.76 14.35
C LEU D 520 -16.77 1.09 15.38
N GLU D 521 -17.87 1.74 14.99
CA GLU D 521 -18.96 2.02 15.91
C GLU D 521 -20.31 1.83 15.24
N PHE D 522 -20.37 1.05 14.15
CA PHE D 522 -21.57 1.06 13.31
C PHE D 522 -22.82 0.73 14.12
N THR D 523 -22.68 -0.05 15.18
CA THR D 523 -23.84 -0.42 16.00
C THR D 523 -23.49 -0.28 17.46
N GLU D 524 -24.51 -0.03 18.26
CA GLU D 524 -24.37 0.07 19.71
C GLU D 524 -25.42 -0.75 20.43
N ASN D 525 -26.31 -1.42 19.70
CA ASN D 525 -27.42 -2.23 20.28
C ASN D 525 -26.83 -3.58 20.68
N TYR D 526 -26.07 -3.64 21.77
CA TYR D 526 -25.41 -4.85 22.24
C TYR D 526 -24.93 -4.61 23.67
N ASP D 527 -24.20 -5.58 24.20
CA ASP D 527 -23.52 -5.45 25.48
C ASP D 527 -22.15 -6.10 25.35
N PHE D 528 -21.32 -5.92 26.37
CA PHE D 528 -19.92 -6.37 26.31
C PHE D 528 -19.17 -5.65 25.18
N LYS D 529 -19.11 -4.32 25.29
CA LYS D 529 -18.45 -3.48 24.25
C LYS D 529 -16.97 -3.86 24.12
N ALA D 530 -16.36 -4.49 25.13
CA ALA D 530 -14.98 -4.95 25.00
C ALA D 530 -14.88 -6.09 23.99
N VAL D 531 -15.82 -7.03 24.04
CA VAL D 531 -15.79 -8.15 23.10
C VAL D 531 -15.97 -7.65 21.67
N PHE D 532 -16.91 -6.73 21.47
CA PHE D 532 -17.12 -6.16 20.14
C PHE D 532 -15.82 -5.52 19.61
N ILE D 533 -15.20 -4.67 20.42
CA ILE D 533 -14.01 -3.96 19.96
C ILE D 533 -12.89 -4.93 19.68
N ILE D 534 -12.69 -5.93 20.56
CA ILE D 534 -11.56 -6.84 20.35
C ILE D 534 -11.80 -7.69 19.11
N LEU D 535 -13.05 -8.09 18.85
CA LEU D 535 -13.32 -8.84 17.62
C LEU D 535 -13.02 -7.99 16.40
N LEU D 536 -13.46 -6.73 16.39
CA LEU D 536 -13.18 -5.89 15.24
C LEU D 536 -11.69 -5.68 15.05
N LEU D 537 -10.95 -5.45 16.13
CA LEU D 537 -9.51 -5.25 16.01
C LEU D 537 -8.84 -6.50 15.48
N ALA D 538 -9.20 -7.67 16.01
CA ALA D 538 -8.61 -8.90 15.52
C ALA D 538 -8.88 -9.05 14.03
N TYR D 539 -10.10 -8.74 13.58
CA TYR D 539 -10.40 -8.83 12.16
C TYR D 539 -9.51 -7.89 11.36
N VAL D 540 -9.32 -6.67 11.84
CA VAL D 540 -8.55 -5.70 11.07
C VAL D 540 -7.10 -6.16 10.92
N ILE D 541 -6.49 -6.57 12.04
CA ILE D 541 -5.09 -7.08 12.04
C ILE D 541 -5.02 -8.28 11.07
N LEU D 542 -5.96 -9.23 11.16
CA LEU D 542 -5.90 -10.41 10.33
C LEU D 542 -6.01 -10.06 8.85
N THR D 543 -6.88 -9.12 8.51
CA THR D 543 -6.94 -8.67 7.13
C THR D 543 -5.62 -8.07 6.69
N TYR D 544 -4.98 -7.30 7.57
CA TYR D 544 -3.70 -6.69 7.20
C TYR D 544 -2.66 -7.76 6.89
N ILE D 545 -2.61 -8.80 7.73
CA ILE D 545 -1.63 -9.91 7.55
C ILE D 545 -2.00 -10.70 6.27
N LEU D 546 -3.29 -10.81 5.96
CA LEU D 546 -3.78 -11.57 4.78
C LEU D 546 -3.38 -10.83 3.50
N LEU D 547 -3.55 -9.50 3.46
CA LEU D 547 -3.23 -8.68 2.27
C LEU D 547 -1.72 -8.47 2.17
N LEU D 548 -1.00 -8.49 3.30
CA LEU D 548 0.46 -8.37 3.28
C LEU D 548 1.09 -9.60 2.67
N ASN D 549 0.65 -10.78 3.11
CA ASN D 549 1.22 -12.07 2.64
C ASN D 549 0.79 -12.30 1.19
N MET D 550 -0.33 -11.69 0.76
CA MET D 550 -0.77 -11.77 -0.66
C MET D 550 0.27 -11.00 -1.49
N LEU D 551 0.64 -9.79 -1.08
CA LEU D 551 1.68 -9.02 -1.75
C LEU D 551 3.01 -9.75 -1.75
N ILE D 552 3.45 -10.18 -0.57
CA ILE D 552 4.75 -10.84 -0.45
C ILE D 552 4.81 -12.07 -1.34
N ALA D 553 3.74 -12.89 -1.30
CA ALA D 553 3.67 -14.14 -2.07
C ALA D 553 3.80 -13.88 -3.57
N LEU D 554 2.92 -13.06 -4.16
CA LEU D 554 2.93 -12.84 -5.64
C LEU D 554 4.21 -12.11 -6.07
N MET D 555 4.67 -11.12 -5.31
CA MET D 555 5.85 -10.35 -5.66
C MET D 555 7.10 -11.20 -5.55
N GLY D 556 7.44 -11.65 -4.34
CA GLY D 556 8.66 -12.41 -4.15
C GLY D 556 8.71 -13.69 -4.94
N GLU D 557 7.57 -14.16 -5.47
CA GLU D 557 7.60 -15.36 -6.29
C GLU D 557 7.80 -15.08 -7.77
N THR D 558 7.13 -14.05 -8.32
CA THR D 558 7.12 -13.83 -9.76
C THR D 558 7.49 -12.41 -10.16
N VAL D 559 8.34 -11.71 -9.38
CA VAL D 559 8.80 -10.40 -9.81
C VAL D 559 9.74 -10.51 -11.01
N ASN D 560 10.64 -11.50 -11.01
CA ASN D 560 11.74 -11.56 -12.02
C ASN D 560 11.35 -12.25 -13.33
N LYS D 561 10.47 -13.24 -13.32
CA LYS D 561 10.17 -14.03 -14.55
C LYS D 561 9.02 -13.42 -15.35
N ILE D 562 8.68 -12.14 -15.16
CA ILE D 562 7.63 -11.54 -15.98
C ILE D 562 8.19 -11.08 -17.32
N ALA D 563 9.36 -10.46 -17.30
CA ALA D 563 9.91 -9.84 -18.52
C ALA D 563 10.01 -10.84 -19.65
N GLN D 564 10.28 -12.11 -19.34
CA GLN D 564 10.37 -13.15 -20.37
C GLN D 564 9.09 -13.97 -20.48
N GLU D 565 8.56 -14.44 -19.35
CA GLU D 565 7.36 -15.27 -19.39
C GLU D 565 6.19 -14.51 -19.99
N SER D 566 5.93 -13.30 -19.51
CA SER D 566 4.83 -12.51 -20.03
C SER D 566 5.04 -12.18 -21.51
N LYS D 567 6.27 -11.82 -21.88
CA LYS D 567 6.55 -11.48 -23.26
C LYS D 567 6.25 -12.67 -24.17
N ASN D 568 6.71 -13.86 -23.79
CA ASN D 568 6.47 -15.04 -24.62
C ASN D 568 5.00 -15.44 -24.64
N ILE D 569 4.29 -15.28 -23.52
CA ILE D 569 2.86 -15.56 -23.54
C ILE D 569 2.14 -14.61 -24.49
N TRP D 570 2.52 -13.33 -24.47
CA TRP D 570 1.92 -12.38 -25.39
C TRP D 570 2.25 -12.73 -26.83
N LYS D 571 3.47 -13.19 -27.09
CA LYS D 571 3.82 -13.63 -28.43
C LYS D 571 2.93 -14.79 -28.87
N LEU D 572 2.69 -15.74 -27.96
CA LEU D 572 1.80 -16.85 -28.28
C LEU D 572 0.41 -16.35 -28.61
N GLN D 573 -0.12 -15.41 -27.81
CA GLN D 573 -1.46 -14.89 -28.07
C GLN D 573 -1.51 -14.19 -29.43
N ARG D 574 -0.49 -13.40 -29.75
CA ARG D 574 -0.48 -12.73 -31.04
C ARG D 574 -0.40 -13.74 -32.18
N ALA D 575 0.37 -14.82 -32.00
CA ALA D 575 0.42 -15.86 -33.02
C ALA D 575 -0.95 -16.50 -33.22
N ILE D 576 -1.65 -16.77 -32.12
CA ILE D 576 -2.97 -17.39 -32.22
C ILE D 576 -3.92 -16.48 -32.97
N THR D 577 -3.96 -15.20 -32.62
CA THR D 577 -4.87 -14.29 -33.31
C THR D 577 -4.48 -14.13 -34.77
N ILE D 578 -3.19 -14.10 -35.07
CA ILE D 578 -2.75 -13.98 -36.46
C ILE D 578 -3.25 -15.17 -37.28
N LEU D 579 -3.01 -16.39 -36.78
CA LEU D 579 -3.46 -17.56 -37.51
C LEU D 579 -4.98 -17.58 -37.65
N ASP D 580 -5.70 -17.25 -36.57
CA ASP D 580 -7.15 -17.31 -36.63
C ASP D 580 -7.69 -16.31 -37.65
N THR D 581 -7.16 -15.08 -37.66
CA THR D 581 -7.65 -14.09 -38.61
C THR D 581 -7.26 -14.45 -40.04
N GLU D 582 -6.07 -15.00 -40.25
CA GLU D 582 -5.69 -15.42 -41.59
C GLU D 582 -6.63 -16.52 -42.10
N LYS D 583 -6.90 -17.51 -41.25
CA LYS D 583 -7.78 -18.59 -41.67
C LYS D 583 -9.21 -18.11 -41.87
N SER D 584 -9.64 -17.12 -41.10
CA SER D 584 -11.00 -16.62 -41.23
C SER D 584 -11.18 -15.85 -42.54
#